data_8OXU
#
_entry.id   8OXU
#
_cell.length_a   97.714
_cell.length_b   97.714
_cell.length_c   275.575
_cell.angle_alpha   90.000
_cell.angle_beta   90.000
_cell.angle_gamma   90.000
#
_symmetry.space_group_name_H-M   'P 41 21 2'
#
loop_
_entity.id
_entity.type
_entity.pdbx_description
1 polymer 'ATP-dependent molecular chaperone HSP82'
2 non-polymer 'dimethyl 2,6-bis[2-(dimethylamino)ethyl]-1-methyl-4-[4-(trifluoromethyl)phenyl]-4~{H}-pyridine-3,5-dicarboxylate'
3 water water
#
_entity_poly.entity_id   1
_entity_poly.type   'polypeptide(L)'
_entity_poly.pdbx_seq_one_letter_code
;LAKLLRYNSTKSVDELTSLTDYVTRMPEHQKNIYYITGESLKAVEKSPFLDALKAKNFEVLFLTDPIDEYAFTQLKEFEG
KTLVDITKDFELEETDEEKAEREKEIKEYEPLTKALKEILGDQVEKVVVSYKLLDAPAAIRTGQFGWSANMERIMKAQAL
RDSSMSSYMSSKKTFEISPKSPIIKELKKRVDEGGAQDKTVKDLTKLLYETALLTSGFSLDEPTSFASRINRLISLGLNI
D
;
_entity_poly.pdbx_strand_id   A,B,C,D
#
loop_
_chem_comp.id
_chem_comp.type
_chem_comp.name
_chem_comp.formula
W5R non-polymer 'dimethyl 2,6-bis[2-(dimethylamino)ethyl]-1-methyl-4-[4-(trifluoromethyl)phenyl]-4~{H}-pyridine-3,5-dicarboxylate' 'C25 H34 F3 N3 O4'
#
# COMPACT_ATOMS: atom_id res chain seq x y z
N LEU A 1 8.76 7.39 -23.21
CA LEU A 1 7.64 8.23 -22.80
C LEU A 1 6.36 7.70 -23.43
N ALA A 2 6.36 7.54 -24.75
CA ALA A 2 5.27 6.91 -25.46
C ALA A 2 5.70 5.81 -26.43
N LYS A 3 7.00 5.61 -26.66
CA LYS A 3 7.49 4.52 -27.49
C LYS A 3 7.98 3.32 -26.68
N LEU A 4 7.70 3.30 -25.37
CA LEU A 4 8.29 2.30 -24.47
C LEU A 4 8.02 0.87 -24.91
N LEU A 5 6.80 0.60 -25.40
CA LEU A 5 6.36 -0.74 -25.78
C LEU A 5 6.15 -1.61 -24.54
N ARG A 6 4.96 -1.52 -23.90
CA ARG A 6 4.72 -2.23 -22.65
C ARG A 6 3.24 -2.52 -22.41
N TYR A 7 2.45 -2.72 -23.47
CA TYR A 7 1.01 -2.92 -23.31
C TYR A 7 0.48 -4.00 -24.24
N ASN A 8 -0.48 -4.78 -23.74
CA ASN A 8 -1.35 -5.57 -24.60
C ASN A 8 -2.53 -4.71 -25.05
N SER A 9 -3.35 -5.24 -25.94
CA SER A 9 -4.47 -4.46 -26.47
C SER A 9 -5.47 -5.39 -27.14
N THR A 10 -6.67 -4.84 -27.37
CA THR A 10 -7.71 -5.61 -28.06
C THR A 10 -7.26 -5.99 -29.47
N LYS A 11 -6.38 -5.20 -30.08
CA LYS A 11 -5.80 -5.52 -31.38
C LYS A 11 -4.38 -6.06 -31.25
N SER A 12 -3.98 -6.49 -30.06
CA SER A 12 -2.64 -7.03 -29.85
C SER A 12 -2.52 -7.70 -28.49
N VAL A 13 -3.13 -8.88 -28.34
CA VAL A 13 -2.88 -9.70 -27.16
C VAL A 13 -1.68 -10.59 -27.47
N ASP A 14 -1.03 -11.08 -26.41
CA ASP A 14 0.20 -11.86 -26.46
C ASP A 14 1.42 -10.96 -26.71
N GLU A 15 1.49 -10.33 -27.88
CA GLU A 15 2.62 -9.46 -28.21
C GLU A 15 2.42 -8.05 -27.66
N LEU A 16 3.49 -7.49 -27.11
CA LEU A 16 3.44 -6.16 -26.53
C LEU A 16 3.48 -5.10 -27.62
N THR A 17 2.91 -3.93 -27.32
CA THR A 17 2.87 -2.83 -28.28
C THR A 17 3.01 -1.50 -27.56
N SER A 18 3.46 -0.50 -28.32
CA SER A 18 3.66 0.86 -27.83
C SER A 18 2.46 1.75 -28.16
N LEU A 19 2.47 2.95 -27.60
CA LEU A 19 1.47 3.96 -27.97
C LEU A 19 1.57 4.29 -29.45
N THR A 20 2.79 4.58 -29.94
CA THR A 20 2.97 4.93 -31.33
C THR A 20 2.59 3.81 -32.29
N ASP A 21 2.61 2.56 -31.84
CA ASP A 21 2.10 1.48 -32.67
C ASP A 21 0.58 1.56 -32.79
N TYR A 22 -0.10 1.67 -31.65
CA TYR A 22 -1.53 1.92 -31.59
C TYR A 22 -1.97 3.01 -32.56
N VAL A 23 -1.21 4.11 -32.62
CA VAL A 23 -1.68 5.30 -33.32
C VAL A 23 -1.67 5.07 -34.82
N THR A 24 -0.80 4.17 -35.31
CA THR A 24 -0.80 3.84 -36.74
C THR A 24 -1.95 2.90 -37.10
N ARG A 25 -2.31 1.99 -36.20
CA ARG A 25 -3.40 1.07 -36.47
C ARG A 25 -4.77 1.74 -36.47
N MET A 26 -4.87 2.97 -36.00
CA MET A 26 -6.17 3.62 -35.89
C MET A 26 -6.73 3.91 -37.28
N PRO A 27 -7.98 3.55 -37.56
CA PRO A 27 -8.61 3.99 -38.80
C PRO A 27 -8.72 5.51 -38.84
N GLU A 28 -8.87 6.03 -40.05
CA GLU A 28 -8.86 7.48 -40.25
C GLU A 28 -9.93 8.18 -39.43
N HIS A 29 -11.05 7.51 -39.17
CA HIS A 29 -12.19 8.14 -38.49
C HIS A 29 -12.15 7.98 -36.98
N GLN A 30 -11.04 7.54 -36.40
CA GLN A 30 -10.88 7.47 -34.95
C GLN A 30 -10.25 8.75 -34.42
N LYS A 31 -10.97 9.45 -33.55
CA LYS A 31 -10.50 10.71 -32.98
C LYS A 31 -9.74 10.54 -31.67
N ASN A 32 -9.97 9.45 -30.94
CA ASN A 32 -9.44 9.30 -29.59
C ASN A 32 -8.57 8.05 -29.48
N ILE A 33 -7.74 8.04 -28.45
CA ILE A 33 -6.95 6.87 -28.07
C ILE A 33 -7.60 6.25 -26.85
N TYR A 34 -7.99 4.99 -26.96
CA TYR A 34 -8.79 4.32 -25.94
C TYR A 34 -7.95 3.32 -25.17
N TYR A 35 -8.04 3.38 -23.83
CA TYR A 35 -7.39 2.40 -22.98
C TYR A 35 -8.26 2.14 -21.76
N ILE A 36 -7.89 1.10 -21.00
CA ILE A 36 -8.65 0.63 -19.86
C ILE A 36 -7.70 0.15 -18.77
N THR A 37 -8.10 0.35 -17.52
CA THR A 37 -7.30 0.03 -16.35
C THR A 37 -8.04 -0.97 -15.49
N GLY A 38 -7.29 -1.88 -14.88
CA GLY A 38 -7.88 -2.96 -14.09
C GLY A 38 -6.81 -3.65 -13.28
N GLU A 39 -7.27 -4.53 -12.39
CA GLU A 39 -6.36 -5.26 -11.51
C GLU A 39 -5.36 -6.09 -12.32
N SER A 40 -5.85 -6.98 -13.16
CA SER A 40 -5.00 -7.89 -13.93
C SER A 40 -5.48 -7.94 -15.37
N LEU A 41 -4.62 -8.47 -16.24
CA LEU A 41 -5.00 -8.68 -17.64
C LEU A 41 -6.26 -9.54 -17.75
N LYS A 42 -6.25 -10.71 -17.10
CA LYS A 42 -7.40 -11.61 -17.15
C LYS A 42 -8.68 -10.92 -16.70
N ALA A 43 -8.59 -10.00 -15.75
CA ALA A 43 -9.76 -9.28 -15.26
C ALA A 43 -10.31 -8.35 -16.34
N VAL A 44 -9.46 -7.47 -16.86
CA VAL A 44 -9.93 -6.45 -17.80
C VAL A 44 -10.31 -7.06 -19.14
N GLU A 45 -9.65 -8.15 -19.53
CA GLU A 45 -9.86 -8.80 -20.83
C GLU A 45 -11.33 -8.97 -21.17
N LYS A 46 -12.16 -9.25 -20.15
CA LYS A 46 -13.57 -9.56 -20.34
C LYS A 46 -14.47 -8.43 -19.84
N SER A 47 -13.92 -7.22 -19.69
CA SER A 47 -14.73 -6.11 -19.20
C SER A 47 -15.87 -5.84 -20.18
N PRO A 48 -17.09 -5.58 -19.69
CA PRO A 48 -18.20 -5.28 -20.61
C PRO A 48 -18.06 -3.96 -21.34
N PHE A 49 -17.09 -3.12 -20.97
CA PHE A 49 -16.88 -1.85 -21.64
C PHE A 49 -16.21 -2.00 -23.01
N LEU A 50 -15.53 -3.12 -23.26
CA LEU A 50 -14.78 -3.28 -24.50
C LEU A 50 -15.70 -3.44 -25.71
N ASP A 51 -16.86 -4.09 -25.51
CA ASP A 51 -17.69 -4.50 -26.64
C ASP A 51 -18.07 -3.33 -27.55
N ALA A 52 -18.45 -2.19 -26.97
CA ALA A 52 -18.83 -1.05 -27.79
C ALA A 52 -17.68 -0.55 -28.64
N LEU A 53 -16.46 -0.60 -28.11
CA LEU A 53 -15.30 -0.10 -28.86
C LEU A 53 -14.94 -1.03 -30.00
N LYS A 54 -14.84 -2.34 -29.73
CA LYS A 54 -14.50 -3.28 -30.79
C LYS A 54 -15.51 -3.23 -31.93
N ALA A 55 -16.80 -3.08 -31.60
CA ALA A 55 -17.83 -2.99 -32.63
C ALA A 55 -17.59 -1.81 -33.55
N LYS A 56 -16.86 -0.79 -33.09
CA LYS A 56 -16.49 0.36 -33.89
C LYS A 56 -15.07 0.26 -34.44
N ASN A 57 -14.44 -0.92 -34.34
CA ASN A 57 -13.09 -1.16 -34.85
C ASN A 57 -12.05 -0.27 -34.16
N PHE A 58 -12.27 0.05 -32.89
CA PHE A 58 -11.31 0.85 -32.14
C PHE A 58 -10.50 -0.06 -31.24
N GLU A 59 -9.18 0.12 -31.24
CA GLU A 59 -8.31 -0.66 -30.37
C GLU A 59 -8.31 -0.04 -28.97
N VAL A 60 -8.18 -0.90 -27.96
CA VAL A 60 -8.17 -0.48 -26.58
C VAL A 60 -6.94 -1.05 -25.89
N LEU A 61 -6.15 -0.17 -25.27
CA LEU A 61 -4.95 -0.58 -24.56
C LEU A 61 -5.29 -1.11 -23.18
N PHE A 62 -4.46 -2.02 -22.69
CA PHE A 62 -4.66 -2.66 -21.39
C PHE A 62 -3.59 -2.15 -20.43
N LEU A 63 -4.02 -1.42 -19.40
CA LEU A 63 -3.10 -0.87 -18.40
C LEU A 63 -3.45 -1.47 -17.04
N THR A 64 -2.73 -2.53 -16.66
CA THR A 64 -2.93 -3.17 -15.37
C THR A 64 -2.06 -2.60 -14.27
N ASP A 65 -0.93 -1.99 -14.61
CA ASP A 65 0.02 -1.39 -13.67
C ASP A 65 -0.41 0.06 -13.39
N PRO A 66 -0.59 0.46 -12.13
CA PRO A 66 -1.06 1.83 -11.88
C PRO A 66 -0.04 2.89 -12.26
N ILE A 67 1.25 2.54 -12.30
CA ILE A 67 2.27 3.48 -12.75
C ILE A 67 1.96 3.94 -14.18
N ASP A 68 1.70 2.97 -15.07
CA ASP A 68 1.34 3.31 -16.44
C ASP A 68 0.06 4.14 -16.49
N GLU A 69 -0.93 3.78 -15.66
CA GLU A 69 -2.18 4.53 -15.61
C GLU A 69 -1.94 5.98 -15.23
N TYR A 70 -1.13 6.21 -14.19
CA TYR A 70 -0.79 7.57 -13.78
C TYR A 70 -0.18 8.36 -14.94
N ALA A 71 0.79 7.75 -15.65
CA ALA A 71 1.46 8.43 -16.75
C ALA A 71 0.47 8.99 -17.76
N PHE A 72 -0.45 8.15 -18.24
CA PHE A 72 -1.38 8.58 -19.28
C PHE A 72 -2.24 9.75 -18.80
N THR A 73 -2.61 9.77 -17.52
CA THR A 73 -3.41 10.87 -17.00
C THR A 73 -2.58 12.15 -16.88
N GLN A 74 -1.27 12.02 -16.67
CA GLN A 74 -0.40 13.19 -16.70
C GLN A 74 -0.13 13.63 -18.14
N LEU A 75 -0.01 12.67 -19.04
CA LEU A 75 0.21 12.99 -20.45
C LEU A 75 -1.03 13.66 -21.04
N LYS A 76 -2.20 13.05 -20.84
CA LYS A 76 -3.50 13.59 -21.20
C LYS A 76 -3.75 13.66 -22.70
N GLU A 77 -2.71 13.87 -23.50
CA GLU A 77 -2.86 13.89 -24.95
C GLU A 77 -1.65 13.26 -25.60
N PHE A 78 -1.80 12.93 -26.88
CA PHE A 78 -0.70 12.47 -27.72
C PHE A 78 -0.71 13.31 -28.98
N GLU A 79 -1.81 13.22 -29.73
CA GLU A 79 -2.25 14.22 -30.70
C GLU A 79 -3.75 14.24 -30.52
N GLY A 80 -4.36 13.05 -30.51
CA GLY A 80 -5.67 12.87 -29.95
C GLY A 80 -5.62 12.55 -28.48
N LYS A 81 -6.73 12.80 -27.79
CA LYS A 81 -6.79 12.65 -26.35
C LYS A 81 -6.79 11.18 -25.94
N THR A 82 -5.88 10.81 -25.05
CA THR A 82 -5.99 9.53 -24.38
C THR A 82 -7.10 9.58 -23.34
N LEU A 83 -7.74 8.44 -23.09
CA LEU A 83 -8.87 8.44 -22.16
C LEU A 83 -9.16 7.04 -21.67
N VAL A 84 -9.35 6.93 -20.35
CA VAL A 84 -9.97 5.77 -19.74
C VAL A 84 -11.41 5.62 -20.22
N ASP A 85 -11.81 4.39 -20.58
CA ASP A 85 -13.23 4.14 -20.80
C ASP A 85 -13.93 3.45 -19.63
N ILE A 86 -13.23 3.19 -18.52
CA ILE A 86 -13.95 2.97 -17.26
C ILE A 86 -14.62 4.26 -16.83
N THR A 87 -13.98 5.39 -17.08
CA THR A 87 -14.61 6.67 -16.82
C THR A 87 -15.54 7.04 -17.96
N LYS A 88 -16.13 8.23 -17.83
CA LYS A 88 -17.16 8.68 -18.76
C LYS A 88 -16.48 9.24 -19.99
N ASP A 89 -16.80 8.66 -21.14
CA ASP A 89 -16.36 9.19 -22.41
C ASP A 89 -17.59 9.49 -23.26
N PHE A 90 -17.36 10.28 -24.30
CA PHE A 90 -18.38 10.63 -25.26
C PHE A 90 -17.95 9.93 -26.52
N GLU A 91 -18.76 8.99 -26.99
CA GLU A 91 -18.33 8.22 -28.14
C GLU A 91 -18.33 9.11 -29.36
N LEU A 92 -17.29 8.95 -30.18
CA LEU A 92 -17.06 9.74 -31.39
C LEU A 92 -18.39 10.02 -32.06
N GLU A 93 -18.83 11.28 -32.03
CA GLU A 93 -20.17 11.71 -32.43
C GLU A 93 -20.82 10.64 -33.29
N GLU A 94 -21.39 9.63 -32.63
CA GLU A 94 -21.86 8.39 -33.24
C GLU A 94 -22.32 8.62 -34.67
N THR A 95 -23.19 9.60 -34.84
CA THR A 95 -23.74 10.07 -36.10
C THR A 95 -24.95 10.92 -35.80
N ASP A 96 -25.30 11.83 -36.72
CA ASP A 96 -26.56 12.54 -36.59
C ASP A 96 -27.75 11.60 -36.69
N GLU A 97 -27.52 10.38 -37.20
CA GLU A 97 -28.59 9.40 -37.32
C GLU A 97 -29.12 8.96 -35.95
N GLU A 98 -28.22 8.55 -35.06
CA GLU A 98 -28.65 8.04 -33.76
C GLU A 98 -29.16 9.14 -32.84
N LYS A 99 -28.53 10.31 -32.85
CA LYS A 99 -28.86 11.39 -31.93
C LYS A 99 -30.35 11.69 -31.87
N ALA A 100 -31.13 11.26 -32.86
CA ALA A 100 -32.58 11.28 -32.79
C ALA A 100 -33.18 9.98 -32.30
N GLU A 101 -32.77 8.84 -32.89
CA GLU A 101 -33.29 7.53 -32.50
C GLU A 101 -33.14 7.25 -31.00
N ARG A 102 -32.12 7.80 -30.36
CA ARG A 102 -31.91 7.60 -28.93
C ARG A 102 -32.83 8.48 -28.09
N GLU A 103 -32.77 9.78 -28.31
CA GLU A 103 -33.60 10.77 -27.61
C GLU A 103 -35.03 10.31 -27.41
N LYS A 104 -35.58 9.59 -28.38
CA LYS A 104 -36.86 8.92 -28.20
C LYS A 104 -36.77 7.89 -27.07
N GLU A 105 -35.80 6.97 -27.15
CA GLU A 105 -35.75 5.87 -26.20
C GLU A 105 -35.44 6.34 -24.79
N ILE A 106 -34.52 7.31 -24.63
CA ILE A 106 -34.20 7.83 -23.31
C ILE A 106 -35.46 8.31 -22.60
N LYS A 107 -36.37 8.93 -23.35
CA LYS A 107 -37.64 9.37 -22.78
C LYS A 107 -38.45 8.19 -22.27
N GLU A 108 -38.63 7.16 -23.13
CA GLU A 108 -39.39 5.99 -22.72
C GLU A 108 -38.72 5.20 -21.61
N TYR A 109 -37.48 5.51 -21.26
CA TYR A 109 -36.81 4.91 -20.12
C TYR A 109 -36.73 5.85 -18.93
N GLU A 110 -37.22 7.07 -19.08
CA GLU A 110 -37.26 8.00 -17.95
C GLU A 110 -38.05 7.47 -16.76
N PRO A 111 -39.17 6.76 -16.94
CA PRO A 111 -39.79 6.11 -15.75
C PRO A 111 -38.84 5.17 -15.02
N LEU A 112 -38.13 4.30 -15.75
CA LEU A 112 -37.19 3.39 -15.11
C LEU A 112 -36.02 4.14 -14.48
N THR A 113 -35.29 4.92 -15.28
CA THR A 113 -34.11 5.63 -14.77
C THR A 113 -34.46 6.46 -13.54
N LYS A 114 -35.63 7.10 -13.55
CA LYS A 114 -36.10 7.82 -12.37
C LYS A 114 -36.34 6.84 -11.23
N ALA A 115 -37.11 5.77 -11.50
CA ALA A 115 -37.35 4.77 -10.48
C ALA A 115 -36.05 4.22 -9.94
N LEU A 116 -35.15 3.78 -10.83
CA LEU A 116 -33.90 3.18 -10.39
C LEU A 116 -33.09 4.14 -9.54
N LYS A 117 -33.10 5.42 -9.89
CA LYS A 117 -32.44 6.43 -9.05
C LYS A 117 -32.96 6.38 -7.63
N GLU A 118 -34.27 6.17 -7.46
CA GLU A 118 -34.85 6.10 -6.12
C GLU A 118 -34.34 4.89 -5.35
N ILE A 119 -34.33 3.71 -5.96
CA ILE A 119 -33.86 2.53 -5.23
C ILE A 119 -32.40 2.68 -4.85
N LEU A 120 -31.59 3.27 -5.74
CA LEU A 120 -30.16 3.39 -5.46
C LEU A 120 -29.84 4.56 -4.54
N GLY A 121 -30.57 5.66 -4.65
CA GLY A 121 -30.35 6.78 -3.73
C GLY A 121 -29.03 7.47 -4.00
N ASP A 122 -28.29 7.74 -2.93
CA ASP A 122 -27.07 8.54 -3.03
C ASP A 122 -25.87 7.77 -3.61
N GLN A 123 -25.96 6.45 -3.70
CA GLN A 123 -24.77 5.67 -4.09
C GLN A 123 -24.27 6.01 -5.49
N VAL A 124 -25.11 6.61 -6.32
CA VAL A 124 -24.71 7.01 -7.67
C VAL A 124 -25.07 8.48 -7.87
N GLU A 125 -24.31 9.15 -8.74
CA GLU A 125 -24.66 10.51 -9.12
C GLU A 125 -25.81 10.52 -10.11
N LYS A 126 -25.79 9.60 -11.09
CA LYS A 126 -26.86 9.48 -12.07
C LYS A 126 -27.18 8.01 -12.32
N VAL A 127 -28.33 7.80 -12.94
CA VAL A 127 -28.69 6.55 -13.58
C VAL A 127 -29.17 6.88 -14.98
N VAL A 128 -28.57 6.27 -15.98
CA VAL A 128 -28.78 6.66 -17.37
C VAL A 128 -28.76 5.40 -18.22
N VAL A 129 -29.58 5.40 -19.27
CA VAL A 129 -29.53 4.34 -20.25
C VAL A 129 -28.35 4.62 -21.18
N SER A 130 -27.55 3.59 -21.42
CA SER A 130 -26.31 3.72 -22.15
C SER A 130 -26.26 2.75 -23.32
N TYR A 131 -25.71 3.21 -24.43
CA TYR A 131 -25.51 2.37 -25.60
C TYR A 131 -24.05 2.00 -25.81
N LYS A 132 -23.13 2.55 -25.02
CA LYS A 132 -21.75 2.08 -24.96
C LYS A 132 -21.62 0.74 -24.25
N LEU A 133 -22.72 0.14 -23.84
CA LEU A 133 -22.74 -1.05 -23.00
C LEU A 133 -23.51 -2.15 -23.74
N LEU A 134 -22.80 -3.17 -24.20
CA LEU A 134 -23.43 -4.32 -24.85
C LEU A 134 -22.98 -5.61 -24.20
N ASP A 135 -23.88 -6.59 -24.21
CA ASP A 135 -23.67 -7.92 -23.63
C ASP A 135 -23.56 -7.86 -22.11
N ALA A 136 -24.33 -6.96 -21.49
CA ALA A 136 -24.37 -6.81 -20.05
C ALA A 136 -25.57 -5.95 -19.69
N PRO A 137 -26.27 -6.25 -18.60
CA PRO A 137 -27.44 -5.44 -18.25
C PRO A 137 -27.06 -4.11 -17.66
N ALA A 138 -26.00 -4.09 -16.84
CA ALA A 138 -25.64 -2.85 -16.17
C ALA A 138 -24.17 -2.88 -15.78
N ALA A 139 -23.59 -1.68 -15.71
CA ALA A 139 -22.23 -1.47 -15.23
C ALA A 139 -22.17 -0.10 -14.59
N ILE A 140 -21.02 0.20 -13.97
CA ILE A 140 -20.83 1.44 -13.23
C ILE A 140 -19.65 2.18 -13.84
N ARG A 141 -19.93 3.37 -14.37
CA ARG A 141 -18.91 4.20 -14.99
C ARG A 141 -18.49 5.30 -14.02
N THR A 142 -17.21 5.31 -13.64
CA THR A 142 -16.64 6.45 -12.95
C THR A 142 -16.87 7.71 -13.77
N GLY A 143 -17.12 8.82 -13.09
CA GLY A 143 -17.20 10.10 -13.78
C GLY A 143 -15.82 10.57 -14.19
N GLN A 144 -15.78 11.34 -15.28
CA GLN A 144 -14.49 11.87 -15.75
C GLN A 144 -13.91 12.87 -14.75
N PHE A 145 -12.73 13.40 -15.06
CA PHE A 145 -11.97 14.32 -14.22
C PHE A 145 -11.56 13.67 -12.90
N GLY A 146 -11.88 12.39 -12.72
CA GLY A 146 -11.77 11.74 -11.45
C GLY A 146 -10.72 10.65 -11.45
N TRP A 147 -10.89 9.70 -10.55
CA TRP A 147 -9.93 8.61 -10.36
C TRP A 147 -10.58 7.33 -10.89
N SER A 148 -9.86 6.64 -11.76
CA SER A 148 -10.32 5.34 -12.22
C SER A 148 -10.49 4.40 -11.03
N ALA A 149 -11.41 3.45 -11.18
CA ALA A 149 -11.71 2.50 -10.11
C ALA A 149 -10.46 1.85 -9.56
N ASN A 150 -9.54 1.45 -10.44
CA ASN A 150 -8.31 0.82 -9.98
C ASN A 150 -7.49 1.78 -9.12
N MET A 151 -7.47 3.06 -9.48
CA MET A 151 -6.64 4.02 -8.74
C MET A 151 -7.11 4.17 -7.30
N GLU A 152 -8.40 4.47 -7.11
CA GLU A 152 -9.01 4.55 -5.78
C GLU A 152 -8.59 3.37 -4.91
N ARG A 153 -8.59 2.17 -5.49
CA ARG A 153 -8.19 0.97 -4.75
C ARG A 153 -6.77 1.08 -4.22
N ILE A 154 -5.84 1.59 -5.03
CA ILE A 154 -4.44 1.57 -4.65
C ILE A 154 -4.15 2.62 -3.59
N MET A 155 -4.84 3.76 -3.63
CA MET A 155 -4.58 4.83 -2.68
C MET A 155 -5.24 4.60 -1.33
N LYS A 156 -6.28 3.78 -1.28
CA LYS A 156 -6.84 3.39 0.01
C LYS A 156 -5.87 2.51 0.78
N ALA A 157 -5.22 1.58 0.09
CA ALA A 157 -4.23 0.71 0.73
C ALA A 157 -3.02 1.51 1.21
N GLN A 158 -2.69 2.61 0.54
CA GLN A 158 -1.53 3.40 0.90
C GLN A 158 -1.94 4.74 1.49
N SER A 167 -17.63 13.64 3.66
CA SER A 167 -16.71 12.63 4.15
C SER A 167 -15.60 12.29 3.15
N TYR A 168 -15.53 11.01 2.80
CA TYR A 168 -14.44 10.52 1.95
C TYR A 168 -14.51 11.09 0.53
N MET A 169 -15.73 11.30 0.02
CA MET A 169 -15.97 12.01 -1.24
C MET A 169 -15.45 11.28 -2.49
N SER A 170 -15.19 9.96 -2.40
CA SER A 170 -14.61 9.13 -3.48
C SER A 170 -14.76 9.69 -4.89
N SER A 171 -15.72 9.18 -5.64
CA SER A 171 -15.95 9.67 -7.00
C SER A 171 -17.43 9.59 -7.32
N LYS A 172 -17.82 10.30 -8.38
CA LYS A 172 -19.21 10.29 -8.85
C LYS A 172 -19.43 9.10 -9.77
N LYS A 173 -20.02 8.04 -9.24
CA LYS A 173 -20.29 6.85 -10.04
C LYS A 173 -21.63 6.99 -10.75
N THR A 174 -21.69 6.47 -11.97
CA THR A 174 -22.89 6.52 -12.81
C THR A 174 -23.32 5.09 -13.15
N PHE A 175 -24.60 4.79 -12.94
CA PHE A 175 -25.14 3.46 -13.17
C PHE A 175 -25.77 3.39 -14.55
N GLU A 176 -25.10 2.73 -15.48
CA GLU A 176 -25.59 2.60 -16.84
C GLU A 176 -26.36 1.30 -17.01
N ILE A 177 -27.49 1.38 -17.73
CA ILE A 177 -28.29 0.20 -18.06
C ILE A 177 -28.40 0.09 -19.57
N SER A 178 -28.38 -1.13 -20.06
CA SER A 178 -28.50 -1.38 -21.49
C SER A 178 -29.97 -1.59 -21.85
N PRO A 179 -30.55 -0.76 -22.71
CA PRO A 179 -31.97 -0.94 -23.09
C PRO A 179 -32.14 -2.16 -23.96
N LYS A 180 -31.02 -2.73 -24.36
CA LYS A 180 -30.76 -3.86 -25.23
C LYS A 180 -30.64 -5.21 -24.51
N SER A 181 -30.82 -5.25 -23.16
CA SER A 181 -30.81 -6.45 -22.32
C SER A 181 -32.24 -6.90 -21.97
N PRO A 182 -32.52 -8.20 -22.00
CA PRO A 182 -33.84 -8.68 -21.56
C PRO A 182 -34.16 -8.33 -20.12
N ILE A 183 -33.17 -8.46 -19.22
CA ILE A 183 -33.39 -8.15 -17.81
C ILE A 183 -33.81 -6.69 -17.63
N ILE A 184 -33.16 -5.78 -18.34
CA ILE A 184 -33.54 -4.37 -18.26
C ILE A 184 -34.92 -4.16 -18.89
N LYS A 185 -35.19 -4.85 -20.00
CA LYS A 185 -36.48 -4.75 -20.66
C LYS A 185 -37.62 -5.12 -19.73
N GLU A 186 -37.44 -6.14 -18.90
CA GLU A 186 -38.49 -6.54 -17.97
C GLU A 186 -38.76 -5.45 -16.93
N LEU A 187 -37.69 -4.84 -16.40
CA LEU A 187 -37.86 -3.79 -15.41
C LEU A 187 -38.67 -2.62 -15.97
N LYS A 188 -38.49 -2.30 -17.25
CA LYS A 188 -39.31 -1.25 -17.85
C LYS A 188 -40.79 -1.62 -17.81
N LYS A 189 -41.11 -2.88 -18.10
CA LYS A 189 -42.51 -3.30 -18.04
C LYS A 189 -43.06 -3.15 -16.62
N ARG A 190 -42.43 -3.79 -15.65
CA ARG A 190 -42.91 -3.72 -14.27
C ARG A 190 -43.01 -2.28 -13.77
N VAL A 191 -42.02 -1.44 -14.09
CA VAL A 191 -42.04 -0.07 -13.59
C VAL A 191 -43.14 0.73 -14.27
N ASP A 192 -43.35 0.49 -15.57
CA ASP A 192 -44.49 1.12 -16.24
C ASP A 192 -45.82 0.51 -15.83
N GLU A 193 -45.81 -0.52 -14.97
CA GLU A 193 -47.03 -1.11 -14.41
C GLU A 193 -47.09 -0.90 -12.90
N GLY A 194 -46.66 0.28 -12.43
CA GLY A 194 -46.69 0.57 -11.01
C GLY A 194 -45.73 -0.33 -10.26
N GLY A 195 -44.47 -0.34 -10.68
CA GLY A 195 -43.48 -1.23 -10.12
C GLY A 195 -42.34 -0.55 -9.37
N ALA A 196 -42.21 0.77 -9.49
CA ALA A 196 -41.12 1.55 -8.91
C ALA A 196 -40.71 1.14 -7.49
N GLN A 197 -41.68 0.89 -6.59
CA GLN A 197 -41.40 0.35 -5.25
C GLN A 197 -42.09 -0.98 -5.03
N ASP A 198 -42.34 -1.73 -6.11
CA ASP A 198 -42.55 -3.18 -6.04
C ASP A 198 -41.32 -3.81 -5.38
N LYS A 199 -41.52 -4.88 -4.63
CA LYS A 199 -40.38 -5.43 -3.89
C LYS A 199 -39.41 -6.18 -4.79
N THR A 200 -39.92 -6.91 -5.77
CA THR A 200 -39.05 -7.65 -6.69
C THR A 200 -38.15 -6.69 -7.48
N VAL A 201 -38.69 -5.55 -7.89
CA VAL A 201 -37.87 -4.53 -8.54
C VAL A 201 -36.70 -4.16 -7.65
N LYS A 202 -36.99 -3.61 -6.46
CA LYS A 202 -35.95 -3.11 -5.56
C LYS A 202 -34.82 -4.12 -5.36
N ASP A 203 -35.16 -5.36 -5.03
CA ASP A 203 -34.14 -6.37 -4.82
C ASP A 203 -33.29 -6.59 -6.05
N LEU A 204 -33.90 -6.58 -7.24
CA LEU A 204 -33.16 -6.92 -8.45
C LEU A 204 -32.20 -5.82 -8.85
N THR A 205 -32.65 -4.56 -8.83
CA THR A 205 -31.75 -3.46 -9.19
C THR A 205 -30.56 -3.38 -8.24
N LYS A 206 -30.83 -3.47 -6.93
CA LYS A 206 -29.75 -3.53 -5.96
C LYS A 206 -28.82 -4.69 -6.24
N LEU A 207 -29.40 -5.86 -6.53
CA LEU A 207 -28.61 -7.02 -6.93
C LEU A 207 -27.75 -6.70 -8.14
N LEU A 208 -28.34 -6.04 -9.14
CA LEU A 208 -27.58 -5.61 -10.31
C LEU A 208 -26.49 -4.61 -9.95
N TYR A 209 -26.86 -3.55 -9.20
CA TYR A 209 -25.90 -2.48 -8.90
C TYR A 209 -24.67 -3.01 -8.18
N GLU A 210 -24.87 -3.88 -7.19
CA GLU A 210 -23.73 -4.44 -6.47
C GLU A 210 -22.88 -5.30 -7.39
N THR A 211 -23.51 -6.08 -8.28
CA THR A 211 -22.76 -6.79 -9.31
C THR A 211 -22.01 -5.81 -10.21
N ALA A 212 -22.73 -4.80 -10.73
CA ALA A 212 -22.09 -3.74 -11.51
C ALA A 212 -20.86 -3.18 -10.79
N LEU A 213 -20.95 -3.01 -9.48
CA LEU A 213 -19.80 -2.55 -8.69
C LEU A 213 -18.64 -3.54 -8.79
N LEU A 214 -18.89 -4.79 -8.44
CA LEU A 214 -17.83 -5.81 -8.44
C LEU A 214 -17.23 -5.99 -9.82
N THR A 215 -18.08 -6.08 -10.85
CA THR A 215 -17.60 -6.20 -12.22
C THR A 215 -16.71 -5.04 -12.64
N SER A 216 -16.93 -3.85 -12.06
CA SER A 216 -16.23 -2.65 -12.47
C SER A 216 -15.06 -2.29 -11.57
N GLY A 217 -14.66 -3.21 -10.68
CA GLY A 217 -13.47 -3.05 -9.88
C GLY A 217 -13.71 -2.54 -8.47
N PHE A 218 -14.86 -1.92 -8.21
CA PHE A 218 -15.15 -1.43 -6.87
C PHE A 218 -15.53 -2.60 -5.95
N SER A 219 -15.64 -2.30 -4.66
CA SER A 219 -15.99 -3.29 -3.66
C SER A 219 -17.33 -2.90 -3.02
N LEU A 220 -17.92 -3.84 -2.30
CA LEU A 220 -19.30 -3.70 -1.87
C LEU A 220 -19.40 -2.92 -0.57
N ASP A 221 -20.49 -2.17 -0.44
CA ASP A 221 -20.91 -1.61 0.83
C ASP A 221 -21.84 -2.62 1.49
N GLU A 222 -21.49 -3.06 2.70
CA GLU A 222 -22.22 -4.10 3.42
C GLU A 222 -22.32 -5.37 2.57
N PRO A 223 -21.29 -6.23 2.60
CA PRO A 223 -21.34 -7.45 1.79
C PRO A 223 -22.42 -8.43 2.22
N THR A 224 -22.87 -8.35 3.48
CA THR A 224 -23.93 -9.25 3.95
C THR A 224 -25.25 -8.98 3.23
N SER A 225 -25.63 -7.70 3.11
CA SER A 225 -26.83 -7.34 2.35
C SER A 225 -26.83 -8.01 0.98
N PHE A 226 -25.70 -7.95 0.28
CA PHE A 226 -25.56 -8.63 -1.01
C PHE A 226 -25.78 -10.13 -0.85
N ALA A 227 -25.00 -10.78 0.02
CA ALA A 227 -25.10 -12.21 0.22
C ALA A 227 -26.55 -12.66 0.43
N SER A 228 -27.21 -12.14 1.47
CA SER A 228 -28.58 -12.57 1.74
C SER A 228 -29.52 -12.24 0.59
N ARG A 229 -29.27 -11.12 -0.10
CA ARG A 229 -29.97 -10.87 -1.37
C ARG A 229 -29.76 -12.03 -2.34
N ILE A 230 -28.50 -12.40 -2.56
CA ILE A 230 -28.17 -13.55 -3.42
C ILE A 230 -28.96 -14.78 -3.01
N ASN A 231 -28.72 -15.28 -1.78
CA ASN A 231 -29.39 -16.51 -1.33
C ASN A 231 -30.91 -16.38 -1.39
N ARG A 232 -31.46 -15.24 -0.95
CA ARG A 232 -32.87 -14.95 -1.17
C ARG A 232 -33.28 -15.33 -2.58
N LEU A 233 -32.46 -14.95 -3.56
CA LEU A 233 -32.78 -15.23 -4.95
C LEU A 233 -32.66 -16.73 -5.25
N ILE A 234 -31.57 -17.36 -4.82
CA ILE A 234 -31.39 -18.78 -5.10
C ILE A 234 -32.32 -19.65 -4.28
N SER A 235 -32.96 -19.09 -3.26
CA SER A 235 -33.96 -19.81 -2.48
C SER A 235 -35.32 -19.77 -3.14
N LEU A 236 -35.53 -18.85 -4.07
CA LEU A 236 -36.74 -18.86 -4.89
C LEU A 236 -36.79 -20.12 -5.75
N GLY A 237 -35.64 -20.63 -6.16
CA GLY A 237 -35.63 -21.80 -7.01
C GLY A 237 -35.78 -23.10 -6.26
N LEU A 238 -36.35 -23.03 -5.04
CA LEU A 238 -36.73 -24.23 -4.31
C LEU A 238 -38.16 -24.18 -3.83
N ASN A 239 -38.83 -23.03 -3.91
CA ASN A 239 -40.24 -22.90 -3.55
C ASN A 239 -41.13 -22.87 -4.78
N LEU B 1 -16.22 22.60 -5.38
CA LEU B 1 -15.14 21.75 -5.86
C LEU B 1 -13.78 22.36 -5.54
N ALA B 2 -13.62 23.64 -5.87
CA ALA B 2 -12.41 24.37 -5.56
C ALA B 2 -12.58 25.28 -4.36
N LYS B 3 -13.79 25.34 -3.82
CA LYS B 3 -14.07 25.96 -2.54
C LYS B 3 -14.05 24.92 -1.42
N LEU B 4 -13.50 23.74 -1.71
CA LEU B 4 -13.61 22.57 -0.85
C LEU B 4 -13.21 22.85 0.59
N LEU B 5 -12.16 23.66 0.79
CA LEU B 5 -11.66 24.01 2.12
C LEU B 5 -11.06 22.78 2.78
N ARG B 6 -9.81 22.45 2.45
CA ARG B 6 -9.23 21.23 3.00
C ARG B 6 -7.70 21.22 2.99
N TYR B 7 -7.07 22.39 3.05
CA TYR B 7 -5.62 22.43 3.00
C TYR B 7 -5.09 23.45 4.00
N ASN B 8 -3.96 23.13 4.61
CA ASN B 8 -3.17 24.13 5.32
C ASN B 8 -2.26 24.86 4.33
N SER B 9 -1.59 25.89 4.82
CA SER B 9 -0.76 26.69 3.92
C SER B 9 0.22 27.52 4.72
N THR B 10 1.25 28.03 4.02
CA THR B 10 2.24 28.87 4.67
C THR B 10 1.63 30.15 5.22
N LYS B 11 0.54 30.62 4.63
CA LYS B 11 -0.18 31.78 5.15
C LYS B 11 -1.45 31.37 5.89
N SER B 12 -1.53 30.10 6.31
CA SER B 12 -2.70 29.60 7.04
C SER B 12 -2.46 28.21 7.64
N VAL B 13 -1.67 28.13 8.71
CA VAL B 13 -1.55 26.90 9.48
C VAL B 13 -2.62 26.90 10.57
N ASP B 14 -2.95 25.69 11.07
CA ASP B 14 -4.01 25.43 12.05
C ASP B 14 -5.38 25.49 11.39
N GLU B 15 -5.77 26.64 10.88
CA GLU B 15 -7.06 26.78 10.23
C GLU B 15 -6.98 26.36 8.78
N LEU B 16 -7.99 25.61 8.32
CA LEU B 16 -8.02 25.13 6.96
C LEU B 16 -8.45 26.23 6.00
N THR B 17 -8.04 26.10 4.74
CA THR B 17 -8.37 27.08 3.71
C THR B 17 -8.60 26.36 2.40
N SER B 18 -9.38 27.00 1.53
CA SER B 18 -9.68 26.49 0.21
C SER B 18 -8.77 27.14 -0.81
N LEU B 19 -8.79 26.60 -2.03
CA LEU B 19 -8.10 27.24 -3.13
C LEU B 19 -8.66 28.64 -3.38
N THR B 20 -9.99 28.74 -3.45
CA THR B 20 -10.61 30.03 -3.77
C THR B 20 -10.32 31.10 -2.73
N ASP B 21 -10.02 30.71 -1.50
CA ASP B 21 -9.57 31.69 -0.50
C ASP B 21 -8.15 32.15 -0.78
N TYR B 22 -7.23 31.20 -1.02
CA TYR B 22 -5.86 31.46 -1.45
C TYR B 22 -5.81 32.56 -2.50
N VAL B 23 -6.72 32.53 -3.47
CA VAL B 23 -6.62 33.41 -4.63
C VAL B 23 -6.88 34.86 -4.25
N THR B 24 -7.64 35.11 -3.18
CA THR B 24 -7.90 36.46 -2.76
C THR B 24 -6.70 37.07 -2.04
N ARG B 25 -5.98 36.26 -1.27
CA ARG B 25 -4.79 36.72 -0.55
C ARG B 25 -3.61 37.00 -1.48
N MET B 26 -3.71 36.61 -2.74
CA MET B 26 -2.60 36.76 -3.67
C MET B 26 -2.31 38.23 -3.94
N PRO B 27 -1.05 38.66 -3.84
CA PRO B 27 -0.69 40.01 -4.29
C PRO B 27 -0.93 40.19 -5.78
N GLU B 28 -1.03 41.45 -6.20
CA GLU B 28 -1.35 41.76 -7.59
C GLU B 28 -0.34 41.15 -8.56
N HIS B 29 0.92 41.09 -8.16
CA HIS B 29 1.99 40.63 -9.04
C HIS B 29 2.30 39.13 -8.91
N GLN B 30 1.45 38.37 -8.21
CA GLN B 30 1.60 36.92 -8.17
C GLN B 30 0.81 36.32 -9.32
N LYS B 31 1.51 35.66 -10.24
CA LYS B 31 0.88 35.08 -11.42
C LYS B 31 0.44 33.65 -11.22
N ASN B 32 1.01 32.94 -10.26
CA ASN B 32 0.81 31.51 -10.12
C ASN B 32 0.25 31.18 -8.73
N ILE B 33 -0.33 30.00 -8.62
CA ILE B 33 -0.74 29.43 -7.35
C ILE B 33 0.26 28.34 -7.00
N TYR B 34 0.91 28.47 -5.85
CA TYR B 34 2.02 27.60 -5.49
C TYR B 34 1.56 26.62 -4.44
N TYR B 35 1.91 25.34 -4.64
CA TYR B 35 1.62 24.30 -3.68
C TYR B 35 2.80 23.34 -3.61
N ILE B 36 2.72 22.44 -2.65
CA ILE B 36 3.79 21.48 -2.39
C ILE B 36 3.13 20.17 -2.03
N THR B 37 3.77 19.07 -2.41
CA THR B 37 3.20 17.75 -2.22
C THR B 37 4.11 16.96 -1.29
N GLY B 38 3.50 16.21 -0.38
CA GLY B 38 4.29 15.46 0.57
C GLY B 38 3.45 14.49 1.37
N GLU B 39 4.17 13.59 2.05
CA GLU B 39 3.55 12.58 2.90
C GLU B 39 2.76 13.21 4.04
N SER B 40 3.42 14.06 4.83
CA SER B 40 2.82 14.64 6.02
C SER B 40 3.04 16.13 6.09
N LEU B 41 2.27 16.78 6.97
CA LEU B 41 2.46 18.21 7.23
C LEU B 41 3.87 18.48 7.72
N LYS B 42 4.31 17.73 8.73
CA LYS B 42 5.65 17.91 9.30
C LYS B 42 6.75 17.80 8.24
N ALA B 43 6.56 16.95 7.24
CA ALA B 43 7.59 16.79 6.21
C ALA B 43 7.72 18.04 5.35
N VAL B 44 6.63 18.48 4.73
CA VAL B 44 6.71 19.60 3.80
C VAL B 44 6.95 20.92 4.53
N GLU B 45 6.46 21.03 5.78
CA GLU B 45 6.53 22.27 6.54
C GLU B 45 7.92 22.91 6.48
N LYS B 46 8.97 22.10 6.49
CA LYS B 46 10.34 22.59 6.59
C LYS B 46 11.13 22.37 5.31
N SER B 47 10.44 22.17 4.18
CA SER B 47 11.12 21.93 2.92
C SER B 47 11.96 23.14 2.51
N PRO B 48 13.16 22.93 1.97
CA PRO B 48 13.97 24.07 1.49
C PRO B 48 13.38 24.77 0.28
N PHE B 49 12.34 24.21 -0.35
CA PHE B 49 11.71 24.84 -1.49
C PHE B 49 10.84 26.03 -1.08
N LEU B 50 10.40 26.06 0.18
CA LEU B 50 9.51 27.12 0.64
C LEU B 50 10.25 28.45 0.78
N ASP B 51 11.51 28.41 1.20
CA ASP B 51 12.23 29.62 1.60
C ASP B 51 12.23 30.68 0.50
N ALA B 52 12.46 30.28 -0.75
CA ALA B 52 12.42 31.24 -1.84
C ALA B 52 11.04 31.83 -2.00
N LEU B 53 10.00 31.02 -1.82
CA LEU B 53 8.63 31.49 -1.99
C LEU B 53 8.23 32.44 -0.87
N LYS B 54 8.53 32.07 0.38
CA LYS B 54 8.21 32.93 1.52
C LYS B 54 8.86 34.31 1.39
N ALA B 55 10.10 34.35 0.91
CA ALA B 55 10.80 35.63 0.75
C ALA B 55 10.08 36.57 -0.21
N LYS B 56 9.30 36.05 -1.14
CA LYS B 56 8.54 36.89 -2.06
C LYS B 56 7.11 37.13 -1.59
N ASN B 57 6.81 36.77 -0.34
CA ASN B 57 5.48 36.96 0.25
C ASN B 57 4.41 36.19 -0.52
N PHE B 58 4.77 35.03 -1.06
CA PHE B 58 3.85 34.18 -1.80
C PHE B 58 3.38 33.03 -0.93
N GLU B 59 2.08 32.75 -0.99
CA GLU B 59 1.49 31.65 -0.24
C GLU B 59 1.71 30.31 -0.94
N VAL B 60 1.88 29.26 -0.14
CA VAL B 60 2.09 27.90 -0.64
C VAL B 60 1.09 26.97 0.04
N LEU B 61 0.32 26.23 -0.77
CA LEU B 61 -0.63 25.27 -0.23
C LEU B 61 0.04 23.94 0.10
N PHE B 62 -0.52 23.25 1.09
CA PHE B 62 0.01 21.98 1.56
C PHE B 62 -0.97 20.87 1.21
N LEU B 63 -0.52 19.92 0.40
CA LEU B 63 -1.34 18.78 -0.03
C LEU B 63 -0.73 17.48 0.47
N THR B 64 -1.27 16.95 1.58
CA THR B 64 -0.77 15.69 2.14
C THR B 64 -1.47 14.47 1.57
N ASP B 65 -2.71 14.61 1.11
CA ASP B 65 -3.49 13.51 0.56
C ASP B 65 -3.23 13.40 -0.94
N PRO B 66 -2.92 12.20 -1.46
CA PRO B 66 -2.56 12.08 -2.87
C PRO B 66 -3.69 12.42 -3.82
N ILE B 67 -4.95 12.33 -3.38
CA ILE B 67 -6.07 12.71 -4.21
C ILE B 67 -5.93 14.16 -4.68
N ASP B 68 -5.61 15.05 -3.75
CA ASP B 68 -5.40 16.46 -4.09
C ASP B 68 -4.28 16.62 -5.10
N GLU B 69 -3.22 15.81 -4.98
CA GLU B 69 -2.08 15.94 -5.89
C GLU B 69 -2.50 15.79 -7.35
N TYR B 70 -3.24 14.72 -7.68
CA TYR B 70 -3.74 14.56 -9.04
C TYR B 70 -4.62 15.72 -9.48
N ALA B 71 -5.58 16.10 -8.62
CA ALA B 71 -6.59 17.10 -8.97
C ALA B 71 -5.96 18.32 -9.63
N PHE B 72 -4.93 18.87 -9.00
CA PHE B 72 -4.27 20.05 -9.54
C PHE B 72 -3.64 19.77 -10.90
N THR B 73 -3.10 18.56 -11.11
CA THR B 73 -2.45 18.27 -12.39
C THR B 73 -3.46 18.13 -13.53
N GLN B 74 -4.68 17.70 -13.23
CA GLN B 74 -5.70 17.65 -14.27
C GLN B 74 -6.23 19.05 -14.58
N LEU B 75 -6.36 19.89 -13.56
CA LEU B 75 -6.87 21.25 -13.74
C LEU B 75 -5.88 22.16 -14.46
N LYS B 76 -4.66 22.26 -13.91
CA LYS B 76 -3.54 23.05 -14.42
C LYS B 76 -3.67 24.57 -14.25
N GLU B 77 -4.87 25.15 -14.33
CA GLU B 77 -4.98 26.58 -14.10
C GLU B 77 -6.30 26.92 -13.41
N PHE B 78 -6.36 28.13 -12.86
CA PHE B 78 -7.55 28.71 -12.25
C PHE B 78 -7.82 30.08 -12.87
N GLU B 79 -6.84 30.96 -12.74
CA GLU B 79 -6.70 32.16 -13.56
C GLU B 79 -5.22 32.24 -13.88
N GLY B 80 -4.40 32.12 -12.84
CA GLY B 80 -3.00 31.77 -13.00
C GLY B 80 -2.77 30.27 -12.90
N LYS B 81 -1.63 29.82 -13.44
CA LYS B 81 -1.31 28.40 -13.47
C LYS B 81 -0.89 27.88 -12.09
N THR B 82 -1.54 26.79 -11.66
CA THR B 82 -1.09 26.04 -10.49
C THR B 82 0.15 25.21 -10.82
N LEU B 83 0.97 24.95 -9.80
CA LEU B 83 2.21 24.21 -10.02
C LEU B 83 2.81 23.72 -8.70
N VAL B 84 3.27 22.46 -8.72
CA VAL B 84 4.20 21.97 -7.69
C VAL B 84 5.49 22.77 -7.76
N ASP B 85 6.03 23.14 -6.60
CA ASP B 85 7.38 23.70 -6.55
C ASP B 85 8.43 22.66 -6.19
N ILE B 86 8.05 21.39 -6.00
CA ILE B 86 9.03 20.30 -6.07
C ILE B 86 9.57 20.17 -7.49
N THR B 87 8.70 20.34 -8.49
CA THR B 87 9.14 20.35 -9.87
C THR B 87 9.69 21.73 -10.24
N LYS B 88 10.07 21.89 -11.50
CA LYS B 88 10.78 23.08 -11.95
C LYS B 88 9.80 24.22 -12.21
N ASP B 89 9.99 25.33 -11.50
CA ASP B 89 9.26 26.56 -11.77
C ASP B 89 10.24 27.69 -12.01
N PHE B 90 9.74 28.76 -12.60
CA PHE B 90 10.50 29.99 -12.74
C PHE B 90 9.72 31.05 -11.99
N GLU B 91 10.30 31.56 -10.92
CA GLU B 91 9.66 32.58 -10.13
C GLU B 91 9.64 33.88 -10.91
N LEU B 92 8.58 34.66 -10.72
CA LEU B 92 8.41 35.95 -11.39
C LEU B 92 9.77 36.61 -11.49
N GLU B 93 10.28 36.71 -12.72
CA GLU B 93 11.68 37.06 -12.98
C GLU B 93 12.13 38.25 -12.15
N GLU B 94 12.26 38.04 -10.83
CA GLU B 94 12.61 39.04 -9.85
C GLU B 94 13.61 40.01 -10.46
N THR B 95 13.07 41.06 -11.11
CA THR B 95 13.76 42.12 -11.85
C THR B 95 14.59 41.59 -13.01
N ASP B 96 14.57 42.34 -14.13
CA ASP B 96 15.47 42.05 -15.25
C ASP B 96 16.93 42.33 -14.90
N GLU B 97 17.17 43.11 -13.85
CA GLU B 97 18.55 43.40 -13.43
C GLU B 97 19.26 42.13 -13.01
N GLU B 98 18.60 41.29 -12.22
CA GLU B 98 19.23 40.07 -11.74
C GLU B 98 19.44 39.08 -12.89
N LYS B 99 18.43 38.91 -13.75
CA LYS B 99 18.50 37.94 -14.84
C LYS B 99 19.73 38.13 -15.73
N ALA B 100 20.36 39.30 -15.70
CA ALA B 100 21.65 39.50 -16.33
C ALA B 100 22.79 39.27 -15.35
N GLU B 101 22.69 39.87 -14.17
CA GLU B 101 23.68 39.67 -13.11
C GLU B 101 23.90 38.18 -12.79
N ARG B 102 22.89 37.34 -13.05
CA ARG B 102 23.02 35.92 -12.75
C ARG B 102 23.88 35.19 -13.78
N GLU B 103 23.52 35.29 -15.06
CA GLU B 103 24.26 34.69 -16.16
C GLU B 103 25.78 34.80 -15.98
N LYS B 104 26.23 35.93 -15.43
CA LYS B 104 27.62 36.06 -15.01
C LYS B 104 27.99 35.01 -13.97
N GLU B 105 27.24 34.96 -12.87
CA GLU B 105 27.59 34.05 -11.78
C GLU B 105 27.42 32.60 -12.21
N ILE B 106 26.35 32.32 -12.95
CA ILE B 106 26.13 30.97 -13.48
C ILE B 106 27.29 30.51 -14.34
N LYS B 107 27.91 31.44 -15.08
CA LYS B 107 28.97 31.07 -16.02
C LYS B 107 30.17 30.45 -15.32
N GLU B 108 30.75 31.14 -14.33
CA GLU B 108 31.89 30.55 -13.64
C GLU B 108 31.53 29.33 -12.80
N TYR B 109 30.26 28.94 -12.72
CA TYR B 109 29.89 27.77 -11.93
C TYR B 109 29.64 26.52 -12.77
N GLU B 110 29.63 26.60 -14.10
CA GLU B 110 29.43 25.38 -14.88
C GLU B 110 30.60 24.39 -14.78
N PRO B 111 31.88 24.81 -14.66
CA PRO B 111 32.92 23.82 -14.36
C PRO B 111 32.58 22.97 -13.16
N LEU B 112 32.04 23.59 -12.10
CA LEU B 112 31.55 22.83 -10.95
C LEU B 112 30.42 21.90 -11.39
N THR B 113 29.35 22.47 -11.96
CA THR B 113 28.22 21.66 -12.40
C THR B 113 28.66 20.56 -13.35
N LYS B 114 29.64 20.83 -14.21
CA LYS B 114 30.15 19.79 -15.10
C LYS B 114 30.78 18.67 -14.29
N ALA B 115 31.70 19.01 -13.38
CA ALA B 115 32.33 18.00 -12.54
C ALA B 115 31.29 17.21 -11.76
N LEU B 116 30.35 17.91 -11.12
CA LEU B 116 29.32 17.24 -10.34
C LEU B 116 28.48 16.29 -11.20
N LYS B 117 28.17 16.70 -12.44
CA LYS B 117 27.49 15.81 -13.38
C LYS B 117 28.27 14.52 -13.58
N GLU B 118 29.60 14.62 -13.66
CA GLU B 118 30.43 13.42 -13.79
C GLU B 118 30.38 12.59 -12.52
N ILE B 119 30.56 13.24 -11.37
CA ILE B 119 30.61 12.52 -10.10
C ILE B 119 29.29 11.83 -9.81
N LEU B 120 28.18 12.50 -10.13
CA LEU B 120 26.87 11.92 -9.88
C LEU B 120 26.48 10.94 -10.98
N GLY B 121 26.89 11.21 -12.21
CA GLY B 121 26.65 10.27 -13.30
C GLY B 121 25.19 10.23 -13.72
N ASP B 122 24.67 9.02 -13.91
CA ASP B 122 23.33 8.84 -14.45
C ASP B 122 22.23 9.15 -13.45
N GLN B 123 22.57 9.27 -12.17
CA GLN B 123 21.55 9.40 -11.13
C GLN B 123 20.72 10.67 -11.26
N VAL B 124 21.20 11.67 -12.01
CA VAL B 124 20.47 12.91 -12.22
C VAL B 124 20.39 13.20 -13.71
N GLU B 125 19.34 13.94 -14.10
CA GLU B 125 19.28 14.44 -15.48
C GLU B 125 20.18 15.64 -15.67
N LYS B 126 20.17 16.59 -14.73
CA LYS B 126 21.01 17.78 -14.81
C LYS B 126 21.60 18.08 -13.44
N VAL B 127 22.58 18.99 -13.46
CA VAL B 127 23.11 19.65 -12.28
C VAL B 127 23.09 21.14 -12.59
N VAL B 128 22.45 21.92 -11.72
CA VAL B 128 22.16 23.32 -12.03
C VAL B 128 22.33 24.18 -10.79
N VAL B 129 22.80 25.40 -11.01
CA VAL B 129 22.79 26.42 -9.97
C VAL B 129 21.41 27.04 -9.92
N SER B 130 20.83 27.14 -8.72
CA SER B 130 19.46 27.59 -8.55
C SER B 130 19.42 28.74 -7.55
N TYR B 131 18.59 29.74 -7.84
CA TYR B 131 18.39 30.86 -6.94
C TYR B 131 17.06 30.80 -6.21
N LYS B 132 16.19 29.86 -6.56
CA LYS B 132 15.00 29.46 -5.81
C LYS B 132 15.36 28.69 -4.55
N LEU B 133 16.65 28.52 -4.27
CA LEU B 133 17.11 27.65 -3.19
C LEU B 133 17.94 28.49 -2.23
N LEU B 134 17.40 28.78 -1.06
CA LEU B 134 18.09 29.49 0.01
C LEU B 134 17.96 28.73 1.31
N ASP B 135 18.97 28.86 2.17
CA ASP B 135 19.02 28.19 3.47
C ASP B 135 19.17 26.68 3.30
N ALA B 136 19.86 26.27 2.25
CA ALA B 136 20.17 24.88 1.93
C ALA B 136 21.22 24.87 0.83
N PRO B 137 22.20 23.96 0.91
CA PRO B 137 23.25 23.94 -0.11
C PRO B 137 22.80 23.30 -1.42
N ALA B 138 21.98 22.26 -1.33
CA ALA B 138 21.55 21.54 -2.52
C ALA B 138 20.21 20.87 -2.26
N ALA B 139 19.43 20.74 -3.33
CA ALA B 139 18.16 20.04 -3.30
C ALA B 139 17.93 19.42 -4.66
N ILE B 140 16.90 18.60 -4.77
CA ILE B 140 16.64 17.81 -5.97
C ILE B 140 15.25 18.13 -6.48
N ARG B 141 15.19 18.68 -7.71
CA ARG B 141 13.93 19.06 -8.34
C ARG B 141 13.51 18.06 -9.41
N THR B 142 12.33 17.47 -9.23
CA THR B 142 11.67 16.71 -10.29
C THR B 142 11.50 17.57 -11.56
N GLY B 143 11.63 16.91 -12.72
CA GLY B 143 11.38 17.57 -13.99
C GLY B 143 9.89 17.76 -14.29
N GLN B 144 9.60 18.80 -15.09
CA GLN B 144 8.24 19.11 -15.52
C GLN B 144 7.66 18.06 -16.47
N PHE B 145 7.44 16.85 -15.96
CA PHE B 145 6.96 15.74 -16.78
C PHE B 145 6.81 14.51 -15.89
N GLY B 146 7.34 14.62 -14.67
CA GLY B 146 7.64 13.48 -13.82
C GLY B 146 6.87 13.25 -12.55
N TRP B 147 7.58 12.69 -11.58
CA TRP B 147 7.02 12.18 -10.34
C TRP B 147 7.37 13.10 -9.18
N SER B 148 6.35 13.57 -8.47
CA SER B 148 6.59 14.17 -7.16
C SER B 148 7.09 13.08 -6.22
N ALA B 149 7.91 13.49 -5.25
CA ALA B 149 8.44 12.53 -4.28
C ALA B 149 7.32 11.71 -3.66
N ASN B 150 6.22 12.38 -3.30
CA ASN B 150 5.09 11.68 -2.69
C ASN B 150 4.54 10.61 -3.62
N MET B 151 4.44 10.91 -4.92
CA MET B 151 3.91 9.92 -5.85
C MET B 151 4.84 8.72 -5.97
N GLU B 152 6.12 8.98 -6.28
CA GLU B 152 7.17 7.97 -6.30
C GLU B 152 7.08 7.08 -5.05
N ARG B 153 6.82 7.71 -3.91
CA ARG B 153 6.69 6.97 -2.65
C ARG B 153 5.56 5.94 -2.71
N ILE B 154 4.40 6.35 -3.23
CA ILE B 154 3.23 5.47 -3.20
C ILE B 154 3.31 4.41 -4.29
N MET B 155 3.90 4.75 -5.43
CA MET B 155 4.03 3.81 -6.54
C MET B 155 5.20 2.85 -6.35
N LYS B 156 6.13 3.16 -5.45
CA LYS B 156 7.25 2.26 -5.20
C LYS B 156 6.81 0.93 -4.61
N ALA B 157 5.85 0.95 -3.69
CA ALA B 157 5.36 -0.31 -3.12
C ALA B 157 4.70 -1.18 -4.18
N GLN B 158 4.11 -0.57 -5.21
CA GLN B 158 3.40 -1.32 -6.24
C GLN B 158 4.15 -1.32 -7.56
N ALA B 159 5.43 -1.71 -7.55
CA ALA B 159 6.22 -1.71 -8.78
C ALA B 159 7.51 -2.50 -8.63
N LEU B 160 8.62 -1.80 -8.51
CA LEU B 160 9.96 -2.39 -8.48
C LEU B 160 10.09 -3.48 -7.43
N SER B 167 12.06 -1.29 -12.70
CA SER B 167 11.13 -1.67 -13.75
C SER B 167 10.82 -0.48 -14.66
N TYR B 168 9.54 -0.12 -14.77
CA TYR B 168 9.08 0.88 -15.71
C TYR B 168 9.63 2.28 -15.44
N MET B 169 10.91 2.36 -15.07
CA MET B 169 11.65 3.61 -14.90
C MET B 169 11.17 4.45 -13.72
N SER B 170 11.50 5.74 -13.75
CA SER B 170 11.17 6.68 -12.70
C SER B 170 11.05 8.09 -13.27
N SER B 171 11.99 8.95 -12.91
CA SER B 171 11.97 10.34 -13.36
C SER B 171 13.39 10.84 -13.59
N LYS B 172 13.47 11.93 -14.34
CA LYS B 172 14.72 12.65 -14.58
C LYS B 172 14.87 13.67 -13.46
N LYS B 173 15.67 13.36 -12.45
CA LYS B 173 15.84 14.28 -11.34
C LYS B 173 16.95 15.28 -11.65
N THR B 174 16.79 16.49 -11.12
CA THR B 174 17.72 17.58 -11.35
C THR B 174 18.37 17.97 -10.03
N PHE B 175 19.69 18.03 -10.02
CA PHE B 175 20.45 18.32 -8.80
C PHE B 175 20.77 19.82 -8.78
N GLU B 176 20.06 20.54 -7.92
CA GLU B 176 20.25 21.98 -7.80
C GLU B 176 21.28 22.28 -6.72
N ILE B 177 22.16 23.24 -7.00
CA ILE B 177 23.12 23.73 -6.02
C ILE B 177 22.88 25.22 -5.83
N SER B 178 22.97 25.67 -4.58
CA SER B 178 22.76 27.07 -4.26
C SER B 178 24.09 27.80 -4.27
N PRO B 179 24.26 28.85 -5.09
CA PRO B 179 25.56 29.53 -5.16
C PRO B 179 25.87 30.37 -3.93
N LYS B 180 24.90 30.59 -3.04
CA LYS B 180 25.10 31.35 -1.82
C LYS B 180 25.48 30.44 -0.65
N SER B 181 25.66 29.16 -0.89
CA SER B 181 26.00 28.24 0.18
C SER B 181 27.52 28.08 0.30
N PRO B 182 28.03 28.10 1.53
CA PRO B 182 29.47 27.90 1.72
C PRO B 182 29.99 26.59 1.17
N ILE B 183 29.25 25.49 1.36
CA ILE B 183 29.69 24.19 0.87
C ILE B 183 29.89 24.23 -0.64
N ILE B 184 28.94 24.82 -1.36
CA ILE B 184 29.06 24.92 -2.81
C ILE B 184 30.18 25.90 -3.16
N LYS B 185 30.28 27.01 -2.42
CA LYS B 185 31.35 27.97 -2.67
C LYS B 185 32.72 27.32 -2.54
N GLU B 186 32.90 26.44 -1.56
CA GLU B 186 34.17 25.74 -1.41
C GLU B 186 34.41 24.76 -2.55
N LEU B 187 33.37 24.02 -2.95
CA LEU B 187 33.52 23.05 -4.04
C LEU B 187 33.91 23.74 -5.34
N LYS B 188 33.38 24.93 -5.59
CA LYS B 188 33.79 25.69 -6.76
C LYS B 188 35.28 26.02 -6.70
N LYS B 189 35.79 26.37 -5.51
CA LYS B 189 37.21 26.64 -5.35
C LYS B 189 38.03 25.39 -5.66
N ARG B 190 37.74 24.30 -4.96
CA ARG B 190 38.48 23.05 -5.17
C ARG B 190 38.42 22.62 -6.63
N VAL B 191 37.25 22.76 -7.25
CA VAL B 191 37.10 22.33 -8.64
C VAL B 191 37.85 23.26 -9.59
N ASP B 192 37.79 24.56 -9.33
CA ASP B 192 38.54 25.52 -10.14
C ASP B 192 40.04 25.50 -9.85
N GLU B 193 40.50 24.74 -8.85
CA GLU B 193 41.93 24.59 -8.57
C GLU B 193 42.38 23.14 -8.74
N GLY B 194 41.84 22.44 -9.74
CA GLY B 194 42.25 21.08 -10.04
C GLY B 194 41.92 20.08 -8.94
N GLY B 195 40.65 20.05 -8.54
CA GLY B 195 40.19 19.19 -7.47
C GLY B 195 39.18 18.16 -7.95
N ALA B 196 38.71 18.36 -9.18
CA ALA B 196 37.65 17.58 -9.84
C ALA B 196 37.66 16.10 -9.50
N GLN B 197 38.84 15.50 -9.35
CA GLN B 197 38.94 14.05 -9.19
C GLN B 197 39.60 13.67 -7.87
N ASP B 198 39.75 14.63 -6.96
CA ASP B 198 40.19 14.32 -5.62
C ASP B 198 39.16 13.41 -4.95
N LYS B 199 39.64 12.49 -4.10
CA LYS B 199 38.76 11.49 -3.53
C LYS B 199 37.87 12.07 -2.43
N THR B 200 38.41 12.97 -1.60
CA THR B 200 37.61 13.57 -0.54
C THR B 200 36.45 14.38 -1.12
N VAL B 201 36.73 15.15 -2.19
CA VAL B 201 35.66 15.88 -2.87
C VAL B 201 34.55 14.93 -3.30
N LYS B 202 34.89 13.98 -4.17
CA LYS B 202 33.93 13.06 -4.77
C LYS B 202 33.00 12.42 -3.73
N ASP B 203 33.59 11.88 -2.65
CA ASP B 203 32.76 11.25 -1.62
C ASP B 203 31.74 12.24 -1.05
N LEU B 204 32.15 13.48 -0.83
CA LEU B 204 31.30 14.44 -0.14
C LEU B 204 30.16 14.92 -1.05
N THR B 205 30.45 15.24 -2.31
CA THR B 205 29.36 15.62 -3.21
C THR B 205 28.36 14.49 -3.32
N LYS B 206 28.83 13.25 -3.40
CA LYS B 206 27.92 12.10 -3.32
C LYS B 206 27.12 12.14 -2.03
N LEU B 207 27.82 12.30 -0.89
CA LEU B 207 27.14 12.45 0.39
C LEU B 207 26.19 13.64 0.38
N LEU B 208 26.64 14.77 -0.17
CA LEU B 208 25.79 15.93 -0.31
C LEU B 208 24.54 15.60 -1.11
N TYR B 209 24.71 14.92 -2.25
CA TYR B 209 23.59 14.61 -3.13
C TYR B 209 22.54 13.76 -2.41
N GLU B 210 22.97 12.76 -1.65
CA GLU B 210 22.02 11.90 -0.94
C GLU B 210 21.25 12.67 0.13
N THR B 211 21.92 13.62 0.80
CA THR B 211 21.22 14.48 1.75
C THR B 211 20.10 15.24 1.05
N ALA B 212 20.41 15.88 -0.07
CA ALA B 212 19.39 16.54 -0.88
C ALA B 212 18.19 15.64 -1.16
N LEU B 213 18.43 14.35 -1.38
CA LEU B 213 17.34 13.41 -1.62
C LEU B 213 16.39 13.36 -0.43
N LEU B 214 16.92 13.05 0.76
CA LEU B 214 16.09 12.98 1.96
C LEU B 214 15.44 14.33 2.25
N THR B 215 16.21 15.40 2.14
CA THR B 215 15.68 16.74 2.32
C THR B 215 14.54 17.04 1.35
N SER B 216 14.54 16.43 0.16
CA SER B 216 13.56 16.72 -0.87
C SER B 216 12.46 15.68 -0.96
N GLY B 217 12.38 14.76 0.01
CA GLY B 217 11.29 13.83 0.10
C GLY B 217 11.58 12.44 -0.43
N PHE B 218 12.60 12.28 -1.27
CA PHE B 218 12.93 10.97 -1.81
C PHE B 218 13.69 10.14 -0.77
N SER B 219 13.88 8.86 -1.08
CA SER B 219 14.64 7.95 -0.24
C SER B 219 15.83 7.40 -1.02
N LEU B 220 16.79 6.84 -0.29
CA LEU B 220 18.06 6.43 -0.86
C LEU B 220 18.00 5.00 -1.38
N ASP B 221 18.77 4.73 -2.43
CA ASP B 221 19.03 3.37 -2.88
C ASP B 221 20.30 2.86 -2.19
N GLU B 222 20.19 1.70 -1.53
CA GLU B 222 21.26 1.09 -0.75
C GLU B 222 21.79 2.09 0.27
N PRO B 223 21.12 2.22 1.42
CA PRO B 223 21.56 3.18 2.44
C PRO B 223 22.90 2.84 3.08
N THR B 224 23.35 1.59 3.01
CA THR B 224 24.61 1.22 3.65
C THR B 224 25.78 1.98 3.02
N SER B 225 25.84 2.05 1.69
CA SER B 225 26.84 2.87 1.03
C SER B 225 26.83 4.29 1.57
N PHE B 226 25.64 4.89 1.68
CA PHE B 226 25.51 6.22 2.28
C PHE B 226 26.03 6.23 3.71
N ALA B 227 25.51 5.32 4.55
CA ALA B 227 25.97 5.21 5.94
C ALA B 227 27.48 5.21 6.04
N SER B 228 28.15 4.34 5.28
CA SER B 228 29.61 4.27 5.33
C SER B 228 30.25 5.58 4.92
N ARG B 229 29.66 6.28 3.94
CA ARG B 229 30.09 7.64 3.62
C ARG B 229 30.04 8.52 4.87
N ILE B 230 28.89 8.51 5.58
CA ILE B 230 28.76 9.23 6.83
C ILE B 230 29.91 8.88 7.77
N ASN B 231 30.00 7.61 8.16
CA ASN B 231 30.98 7.17 9.15
C ASN B 231 32.39 7.63 8.80
N ARG B 232 32.78 7.45 7.54
CA ARG B 232 34.03 8.02 7.04
C ARG B 232 34.18 9.49 7.43
N LEU B 233 33.13 10.29 7.21
CA LEU B 233 33.26 11.74 7.45
C LEU B 233 33.34 12.06 8.94
N ILE B 234 32.49 11.44 9.77
CA ILE B 234 32.54 11.75 11.21
C ILE B 234 33.82 11.21 11.84
N SER B 235 34.51 10.30 11.16
CA SER B 235 35.80 9.76 11.59
C SER B 235 36.98 10.64 11.18
N LEU B 236 36.76 11.62 10.29
CA LEU B 236 37.85 12.53 9.92
C LEU B 236 38.39 13.29 11.12
N GLY B 237 37.51 13.64 12.06
CA GLY B 237 37.86 14.35 13.27
C GLY B 237 38.30 13.47 14.43
N LEU B 238 38.97 12.35 14.17
CA LEU B 238 39.27 11.40 15.23
C LEU B 238 40.74 11.17 15.54
N ASN B 239 41.67 11.82 14.85
CA ASN B 239 43.08 11.68 15.20
C ASN B 239 43.55 12.83 16.08
N LEU C 1 5.64 -28.30 0.52
CA LEU C 1 5.02 -27.37 1.45
C LEU C 1 5.92 -26.16 1.71
N ALA C 2 7.18 -26.44 2.04
CA ALA C 2 8.18 -25.41 2.28
C ALA C 2 9.38 -25.50 1.34
N LYS C 3 9.38 -26.46 0.41
CA LYS C 3 10.46 -26.60 -0.56
C LYS C 3 10.24 -25.76 -1.81
N LEU C 4 9.35 -24.75 -1.72
CA LEU C 4 8.93 -23.99 -2.89
C LEU C 4 10.11 -23.45 -3.69
N LEU C 5 11.17 -23.03 -3.01
CA LEU C 5 12.37 -22.47 -3.64
C LEU C 5 12.07 -21.11 -4.26
N ARG C 6 12.13 -20.05 -3.44
CA ARG C 6 11.75 -18.72 -3.90
C ARG C 6 12.47 -17.63 -3.11
N TYR C 7 13.69 -17.90 -2.64
CA TYR C 7 14.42 -16.95 -1.81
C TYR C 7 15.87 -16.89 -2.25
N ASN C 8 16.45 -15.70 -2.20
CA ASN C 8 17.89 -15.53 -2.28
C ASN C 8 18.51 -15.71 -0.90
N SER C 9 19.84 -15.71 -0.84
CA SER C 9 20.55 -15.95 0.41
C SER C 9 21.99 -15.48 0.27
N THR C 10 22.66 -15.34 1.43
CA THR C 10 24.07 -14.94 1.44
C THR C 10 24.94 -15.94 0.72
N LYS C 11 24.55 -17.21 0.73
CA LYS C 11 25.25 -18.27 0.00
C LYS C 11 24.55 -18.63 -1.29
N SER C 12 23.69 -17.74 -1.81
CA SER C 12 22.94 -18.02 -3.03
C SER C 12 22.32 -16.76 -3.62
N VAL C 13 23.16 -15.92 -4.22
CA VAL C 13 22.71 -14.77 -5.00
C VAL C 13 22.52 -15.23 -6.45
N ASP C 14 21.73 -14.45 -7.21
CA ASP C 14 21.36 -14.71 -8.60
C ASP C 14 20.29 -15.79 -8.70
N GLU C 15 20.65 -17.03 -8.38
CA GLU C 15 19.73 -18.16 -8.42
C GLU C 15 19.02 -18.32 -7.08
N LEU C 16 17.74 -18.68 -7.15
CA LEU C 16 16.89 -18.86 -5.98
C LEU C 16 17.24 -20.17 -5.28
N THR C 17 16.85 -20.27 -4.02
CA THR C 17 17.10 -21.45 -3.21
C THR C 17 15.86 -21.75 -2.38
N SER C 18 15.76 -23.00 -1.95
CA SER C 18 14.60 -23.43 -1.18
C SER C 18 14.90 -23.36 0.31
N LEU C 19 13.83 -23.46 1.11
CA LEU C 19 14.01 -23.58 2.55
C LEU C 19 14.76 -24.85 2.90
N THR C 20 14.32 -25.98 2.37
CA THR C 20 14.95 -27.26 2.65
C THR C 20 16.38 -27.33 2.14
N ASP C 21 16.76 -26.50 1.16
CA ASP C 21 18.14 -26.47 0.71
C ASP C 21 19.06 -25.86 1.76
N TYR C 22 18.69 -24.69 2.29
CA TYR C 22 19.40 -24.08 3.41
C TYR C 22 19.71 -25.13 4.48
N VAL C 23 18.73 -25.98 4.80
CA VAL C 23 18.87 -26.87 5.94
C VAL C 23 19.85 -28.00 5.66
N THR C 24 19.98 -28.41 4.40
CA THR C 24 20.96 -29.44 4.08
C THR C 24 22.36 -28.88 4.07
N ARG C 25 22.52 -27.61 3.67
CA ARG C 25 23.82 -26.94 3.69
C ARG C 25 24.27 -26.62 5.12
N MET C 26 23.39 -26.73 6.10
CA MET C 26 23.72 -26.32 7.46
C MET C 26 24.79 -27.23 8.05
N PRO C 27 25.85 -26.68 8.63
CA PRO C 27 26.79 -27.51 9.39
C PRO C 27 26.08 -28.16 10.57
N GLU C 28 26.67 -29.26 11.05
CA GLU C 28 26.03 -30.04 12.11
C GLU C 28 25.77 -29.21 13.36
N HIS C 29 26.65 -28.26 13.67
CA HIS C 29 26.55 -27.50 14.91
C HIS C 29 25.73 -26.22 14.80
N GLN C 30 25.02 -26.03 13.69
CA GLN C 30 24.09 -24.90 13.58
C GLN C 30 22.71 -25.34 14.08
N LYS C 31 22.24 -24.69 15.13
CA LYS C 31 20.96 -25.04 15.75
C LYS C 31 19.79 -24.25 15.18
N ASN C 32 20.04 -23.08 14.60
CA ASN C 32 18.99 -22.17 14.21
C ASN C 32 19.05 -21.89 12.71
N ILE C 33 17.91 -21.44 12.17
CA ILE C 33 17.80 -20.99 10.79
C ILE C 33 17.69 -19.46 10.81
N TYR C 34 18.60 -18.79 10.11
CA TYR C 34 18.71 -17.34 10.15
C TYR C 34 18.19 -16.75 8.85
N TYR C 35 17.36 -15.72 8.96
CA TYR C 35 16.87 -14.99 7.80
C TYR C 35 16.83 -13.51 8.16
N ILE C 36 16.65 -12.67 7.14
CA ILE C 36 16.69 -11.23 7.31
C ILE C 36 15.71 -10.60 6.34
N THR C 37 15.10 -9.49 6.74
CA THR C 37 14.04 -8.84 5.99
C THR C 37 14.43 -7.43 5.61
N GLY C 38 14.01 -7.01 4.43
CA GLY C 38 14.35 -5.70 3.89
C GLY C 38 13.49 -5.40 2.68
N GLU C 39 13.56 -4.14 2.25
CA GLU C 39 12.77 -3.70 1.10
C GLU C 39 13.15 -4.48 -0.16
N SER C 40 14.42 -4.43 -0.55
CA SER C 40 14.91 -5.05 -1.76
C SER C 40 16.19 -5.82 -1.45
N LEU C 41 16.59 -6.66 -2.40
CA LEU C 41 17.84 -7.41 -2.24
C LEU C 41 19.02 -6.45 -2.00
N LYS C 42 19.16 -5.44 -2.85
CA LYS C 42 20.26 -4.48 -2.71
C LYS C 42 20.31 -3.87 -1.31
N ALA C 43 19.15 -3.63 -0.70
CA ALA C 43 19.13 -3.06 0.64
C ALA C 43 19.66 -4.06 1.68
N VAL C 44 19.05 -5.25 1.73
CA VAL C 44 19.41 -6.22 2.75
C VAL C 44 20.79 -6.82 2.49
N GLU C 45 21.18 -6.94 1.21
CA GLU C 45 22.43 -7.61 0.83
C GLU C 45 23.62 -7.18 1.67
N LYS C 46 23.70 -5.89 2.03
CA LYS C 46 24.86 -5.34 2.71
C LYS C 46 24.58 -4.93 4.15
N SER C 47 23.53 -5.47 4.76
CA SER C 47 23.18 -5.07 6.12
C SER C 47 24.31 -5.43 7.08
N PRO C 48 24.61 -4.56 8.05
CA PRO C 48 25.66 -4.88 9.04
C PRO C 48 25.29 -6.02 9.98
N PHE C 49 24.05 -6.48 9.97
CA PHE C 49 23.65 -7.59 10.81
C PHE C 49 24.20 -8.92 10.30
N LEU C 50 24.56 -8.98 9.01
CA LEU C 50 25.05 -10.23 8.43
C LEU C 50 26.44 -10.58 8.94
N ASP C 51 27.28 -9.57 9.19
CA ASP C 51 28.69 -9.80 9.47
C ASP C 51 28.91 -10.79 10.60
N ALA C 52 28.14 -10.67 11.69
CA ALA C 52 28.30 -11.58 12.81
C ALA C 52 28.01 -13.02 12.42
N LEU C 53 26.96 -13.24 11.63
CA LEU C 53 26.63 -14.60 11.22
C LEU C 53 27.61 -15.09 10.15
N LYS C 54 27.91 -14.23 9.18
CA LYS C 54 28.86 -14.59 8.13
C LYS C 54 30.20 -15.02 8.71
N ALA C 55 30.63 -14.40 9.82
CA ALA C 55 31.89 -14.79 10.45
C ALA C 55 31.89 -16.24 10.89
N LYS C 56 30.71 -16.81 11.13
CA LYS C 56 30.59 -18.23 11.47
C LYS C 56 30.26 -19.11 10.28
N ASN C 57 30.39 -18.59 9.05
CA ASN C 57 30.08 -19.35 7.84
C ASN C 57 28.61 -19.77 7.85
N PHE C 58 27.76 -18.89 8.37
CA PHE C 58 26.33 -19.16 8.49
C PHE C 58 25.60 -18.55 7.30
N GLU C 59 24.69 -19.33 6.73
CA GLU C 59 23.87 -18.85 5.64
C GLU C 59 22.72 -18.02 6.21
N VAL C 60 22.33 -16.97 5.48
CA VAL C 60 21.22 -16.11 5.87
C VAL C 60 20.29 -15.95 4.69
N LEU C 61 19.01 -16.23 4.91
CA LEU C 61 18.00 -16.13 3.87
C LEU C 61 17.58 -14.68 3.66
N PHE C 62 17.19 -14.36 2.44
CA PHE C 62 16.80 -13.01 2.08
C PHE C 62 15.29 -12.98 1.86
N LEU C 63 14.59 -12.24 2.71
CA LEU C 63 13.14 -12.10 2.59
C LEU C 63 12.89 -10.63 2.30
N THR C 64 12.79 -10.32 1.02
CA THR C 64 12.51 -8.96 0.58
C THR C 64 11.02 -8.69 0.40
N ASP C 65 10.26 -9.69 0.11
CA ASP C 65 8.82 -9.61 -0.10
C ASP C 65 8.08 -9.93 1.21
N PRO C 66 7.15 -9.07 1.64
CA PRO C 66 6.54 -9.21 2.98
C PRO C 66 5.70 -10.46 3.21
N ILE C 67 5.15 -11.07 2.17
CA ILE C 67 4.40 -12.31 2.35
C ILE C 67 5.26 -13.38 3.00
N ASP C 68 6.46 -13.61 2.47
CA ASP C 68 7.35 -14.58 3.09
C ASP C 68 7.67 -14.19 4.52
N GLU C 69 7.88 -12.90 4.77
CA GLU C 69 8.15 -12.43 6.13
C GLU C 69 7.01 -12.77 7.08
N TYR C 70 5.78 -12.40 6.69
CA TYR C 70 4.61 -12.78 7.49
C TYR C 70 4.52 -14.29 7.64
N ALA C 71 4.63 -15.01 6.54
CA ALA C 71 4.57 -16.47 6.57
C ALA C 71 5.60 -17.05 7.54
N PHE C 72 6.86 -16.61 7.40
CA PHE C 72 7.97 -17.18 8.18
C PHE C 72 7.76 -17.00 9.68
N THR C 73 7.24 -15.84 10.10
CA THR C 73 7.03 -15.62 11.53
C THR C 73 5.88 -16.45 12.09
N GLN C 74 4.93 -16.86 11.24
CA GLN C 74 3.86 -17.74 11.70
C GLN C 74 4.36 -19.16 11.94
N LEU C 75 5.30 -19.63 11.11
CA LEU C 75 5.84 -20.97 11.28
C LEU C 75 6.64 -21.08 12.57
N LYS C 76 7.55 -20.12 12.80
CA LYS C 76 8.33 -19.99 14.03
C LYS C 76 9.37 -21.10 14.19
N GLU C 77 9.10 -22.29 13.65
CA GLU C 77 10.06 -23.39 13.69
C GLU C 77 10.04 -24.15 12.37
N PHE C 78 11.08 -24.94 12.18
CA PHE C 78 11.14 -25.93 11.12
C PHE C 78 11.58 -27.24 11.77
N GLU C 79 12.78 -27.23 12.36
CA GLU C 79 13.20 -28.19 13.37
C GLU C 79 14.00 -27.42 14.41
N GLY C 80 14.95 -26.62 13.93
CA GLY C 80 15.50 -25.55 14.72
C GLY C 80 14.72 -24.27 14.51
N LYS C 81 14.82 -23.36 15.46
CA LYS C 81 14.02 -22.14 15.42
C LYS C 81 14.53 -21.19 14.34
N THR C 82 13.62 -20.77 13.48
CA THR C 82 13.90 -19.66 12.58
C THR C 82 13.86 -18.34 13.35
N LEU C 83 14.59 -17.35 12.86
CA LEU C 83 14.66 -16.08 13.57
C LEU C 83 15.13 -14.99 12.63
N VAL C 84 14.43 -13.85 12.67
CA VAL C 84 14.98 -12.61 12.15
C VAL C 84 16.22 -12.23 12.94
N ASP C 85 17.30 -11.86 12.25
CA ASP C 85 18.45 -11.26 12.93
C ASP C 85 18.43 -9.73 12.86
N ILE C 86 17.39 -9.15 12.27
CA ILE C 86 17.07 -7.75 12.55
C ILE C 86 16.64 -7.59 14.00
N THR C 87 15.93 -8.58 14.54
CA THR C 87 15.55 -8.59 15.95
C THR C 87 16.70 -9.14 16.80
N LYS C 88 16.46 -9.27 18.11
CA LYS C 88 17.48 -9.67 19.05
C LYS C 88 17.61 -11.19 19.07
N ASP C 89 18.78 -11.70 18.73
CA ASP C 89 19.11 -13.12 18.83
C ASP C 89 20.37 -13.27 19.66
N PHE C 90 20.63 -14.48 20.13
CA PHE C 90 21.87 -14.75 20.86
C PHE C 90 22.68 -15.85 20.19
N GLU C 91 23.85 -15.50 19.66
CA GLU C 91 24.78 -16.47 19.15
C GLU C 91 25.55 -17.09 20.31
N LEU C 92 25.81 -18.39 20.24
CA LEU C 92 26.56 -19.10 21.27
C LEU C 92 27.72 -18.27 21.77
N GLU C 93 27.64 -17.77 23.01
CA GLU C 93 28.62 -16.81 23.49
C GLU C 93 29.92 -17.56 23.72
N GLU C 94 30.83 -17.44 22.74
CA GLU C 94 32.09 -18.16 22.71
C GLU C 94 32.70 -18.28 24.09
N THR C 95 32.99 -19.53 24.49
CA THR C 95 33.59 -19.99 25.75
C THR C 95 33.62 -18.99 26.91
N ASP C 96 33.26 -19.46 28.11
CA ASP C 96 33.26 -18.67 29.35
C ASP C 96 34.28 -17.54 29.45
N GLU C 97 35.34 -17.57 28.65
CA GLU C 97 36.31 -16.49 28.70
C GLU C 97 35.68 -15.18 28.27
N GLU C 98 35.01 -15.17 27.11
CA GLU C 98 34.42 -13.95 26.56
C GLU C 98 33.14 -13.56 27.30
N LYS C 99 32.23 -14.52 27.54
CA LYS C 99 30.98 -14.17 28.23
C LYS C 99 31.27 -13.47 29.56
N ALA C 100 32.49 -13.60 30.06
CA ALA C 100 33.03 -12.79 31.14
C ALA C 100 33.82 -11.60 30.61
N GLU C 101 34.74 -11.84 29.66
CA GLU C 101 35.51 -10.75 29.06
C GLU C 101 34.59 -9.67 28.48
N ARG C 102 33.40 -10.04 28.02
CA ARG C 102 32.42 -9.06 27.57
C ARG C 102 31.74 -8.42 28.77
N GLU C 103 31.19 -9.25 29.66
CA GLU C 103 30.59 -8.80 30.92
C GLU C 103 31.44 -7.74 31.61
N LYS C 104 32.77 -7.87 31.50
CA LYS C 104 33.65 -6.78 31.91
C LYS C 104 33.37 -5.52 31.11
N GLU C 105 33.39 -5.63 29.78
CA GLU C 105 33.30 -4.46 28.91
C GLU C 105 31.94 -3.78 29.01
N ILE C 106 30.85 -4.55 29.12
CA ILE C 106 29.53 -3.98 29.22
C ILE C 106 29.46 -2.95 30.35
N LYS C 107 30.18 -3.21 31.45
CA LYS C 107 30.22 -2.26 32.57
C LYS C 107 30.92 -0.95 32.20
N GLU C 108 32.12 -1.04 31.63
CA GLU C 108 32.87 0.19 31.33
C GLU C 108 32.19 1.09 30.30
N TYR C 109 31.09 0.67 29.70
CA TYR C 109 30.34 1.50 28.77
C TYR C 109 29.06 2.07 29.37
N GLU C 110 28.81 1.84 30.66
CA GLU C 110 27.66 2.44 31.33
C GLU C 110 27.62 3.96 31.22
N PRO C 111 28.74 4.71 31.27
CA PRO C 111 28.62 6.15 30.97
C PRO C 111 28.02 6.42 29.61
N LEU C 112 28.47 5.70 28.57
CA LEU C 112 27.89 5.87 27.25
C LEU C 112 26.42 5.47 27.24
N THR C 113 26.15 4.20 27.58
CA THR C 113 24.78 3.69 27.50
C THR C 113 23.81 4.56 28.27
N LYS C 114 24.21 5.04 29.45
CA LYS C 114 23.37 5.98 30.19
C LYS C 114 23.29 7.32 29.48
N ALA C 115 24.45 7.92 29.15
CA ALA C 115 24.45 9.24 28.52
C ALA C 115 23.68 9.24 27.19
N LEU C 116 24.02 8.34 26.26
CA LEU C 116 23.30 8.32 24.99
C LEU C 116 21.82 8.05 25.18
N LYS C 117 21.46 7.16 26.12
CA LYS C 117 20.05 6.96 26.42
C LYS C 117 19.39 8.28 26.79
N GLU C 118 20.09 9.15 27.53
CA GLU C 118 19.52 10.43 27.89
C GLU C 118 19.30 11.29 26.65
N ILE C 119 20.29 11.36 25.78
CA ILE C 119 20.16 12.19 24.58
C ILE C 119 19.04 11.66 23.70
N LEU C 120 18.86 10.34 23.66
CA LEU C 120 17.88 9.74 22.75
C LEU C 120 16.46 9.81 23.31
N GLY C 121 16.29 9.70 24.62
CA GLY C 121 14.96 9.88 25.19
C GLY C 121 14.05 8.70 24.86
N ASP C 122 12.84 9.02 24.40
CA ASP C 122 11.83 7.99 24.17
C ASP C 122 12.12 7.17 22.92
N GLN C 123 12.99 7.67 22.03
CA GLN C 123 13.17 7.07 20.72
C GLN C 123 13.72 5.65 20.80
N VAL C 124 14.36 5.29 21.91
CA VAL C 124 14.86 3.94 22.10
C VAL C 124 14.35 3.41 23.42
N GLU C 125 14.15 2.09 23.47
CA GLU C 125 13.80 1.44 24.73
C GLU C 125 15.03 1.26 25.62
N LYS C 126 16.14 0.83 25.03
CA LYS C 126 17.38 0.64 25.77
C LYS C 126 18.54 1.09 24.89
N VAL C 127 19.71 1.21 25.50
CA VAL C 127 20.97 1.36 24.79
C VAL C 127 21.97 0.35 25.35
N VAL C 128 22.58 -0.44 24.48
CA VAL C 128 23.40 -1.57 24.92
C VAL C 128 24.59 -1.69 23.97
N VAL C 129 25.73 -2.09 24.52
CA VAL C 129 26.89 -2.42 23.71
C VAL C 129 26.73 -3.83 23.17
N SER C 130 26.99 -4.02 21.88
CA SER C 130 26.74 -5.28 21.20
C SER C 130 27.98 -5.79 20.50
N TYR C 131 28.19 -7.10 20.54
CA TYR C 131 29.28 -7.74 19.82
C TYR C 131 28.83 -8.50 18.58
N LYS C 132 27.52 -8.57 18.33
CA LYS C 132 26.95 -9.03 17.07
C LYS C 132 27.17 -8.03 15.97
N LEU C 133 27.89 -6.96 16.28
CA LEU C 133 28.04 -5.82 15.40
C LEU C 133 29.51 -5.66 15.05
N LEU C 134 29.84 -5.92 13.79
CA LEU C 134 31.15 -5.70 13.24
C LEU C 134 31.01 -4.88 11.97
N ASP C 135 31.98 -3.97 11.75
CA ASP C 135 31.97 -3.07 10.59
C ASP C 135 30.85 -2.03 10.69
N ALA C 136 30.58 -1.53 11.90
CA ALA C 136 29.58 -0.48 12.12
C ALA C 136 29.69 0.10 13.52
N PRO C 137 29.54 1.42 13.70
CA PRO C 137 29.63 1.99 15.04
C PRO C 137 28.37 1.76 15.85
N ALA C 138 27.23 1.78 15.18
CA ALA C 138 25.95 1.66 15.85
C ALA C 138 24.93 1.08 14.89
N ALA C 139 23.95 0.39 15.44
CA ALA C 139 22.85 -0.15 14.64
C ALA C 139 21.59 -0.14 15.50
N ILE C 140 20.47 -0.43 14.85
CA ILE C 140 19.17 -0.38 15.50
C ILE C 140 18.52 -1.74 15.35
N ARG C 141 18.30 -2.40 16.50
CA ARG C 141 17.68 -3.71 16.53
C ARG C 141 16.23 -3.54 16.96
N THR C 142 15.30 -3.95 16.09
CA THR C 142 13.93 -4.11 16.52
C THR C 142 13.87 -5.01 17.75
N GLY C 143 12.91 -4.74 18.62
CA GLY C 143 12.72 -5.59 19.78
C GLY C 143 12.31 -6.99 19.36
N GLN C 144 12.60 -7.95 20.24
CA GLN C 144 12.27 -9.34 19.93
C GLN C 144 10.77 -9.56 19.77
N PHE C 145 9.96 -8.52 19.96
CA PHE C 145 8.50 -8.57 19.87
C PHE C 145 7.96 -7.54 18.90
N GLY C 146 8.81 -6.92 18.07
CA GLY C 146 8.47 -5.71 17.36
C GLY C 146 8.25 -5.86 15.87
N TRP C 147 8.50 -4.79 15.12
CA TRP C 147 8.19 -4.71 13.69
C TRP C 147 9.46 -4.77 12.87
N SER C 148 9.52 -5.70 11.92
CA SER C 148 10.58 -5.65 10.94
C SER C 148 10.46 -4.36 10.12
N ALA C 149 11.60 -3.87 9.64
CA ALA C 149 11.63 -2.62 8.88
C ALA C 149 10.63 -2.63 7.74
N ASN C 150 10.58 -3.73 6.99
CA ASN C 150 9.66 -3.81 5.85
C ASN C 150 8.22 -3.65 6.31
N MET C 151 7.87 -4.22 7.47
CA MET C 151 6.50 -4.20 7.94
C MET C 151 6.00 -2.78 8.14
N GLU C 152 6.73 -2.00 8.93
CA GLU C 152 6.46 -0.57 9.16
C GLU C 152 6.11 0.19 7.89
N ARG C 153 6.86 -0.08 6.82
CA ARG C 153 6.60 0.61 5.55
C ARG C 153 5.16 0.43 5.11
N ILE C 154 4.64 -0.79 5.22
CA ILE C 154 3.28 -1.02 4.75
C ILE C 154 2.24 -0.59 5.78
N MET C 155 2.52 -0.73 7.07
CA MET C 155 1.52 -0.41 8.08
C MET C 155 1.42 1.07 8.41
N LYS C 156 2.50 1.85 8.21
CA LYS C 156 2.37 3.29 8.34
C LYS C 156 1.56 3.86 7.18
N ALA C 157 1.81 3.36 5.97
CA ALA C 157 1.04 3.77 4.81
C ALA C 157 -0.41 3.33 4.92
N GLN C 158 -0.68 2.24 5.64
CA GLN C 158 -2.01 1.67 5.76
C GLN C 158 -2.61 1.85 7.15
N ALA C 159 -2.31 2.98 7.80
CA ALA C 159 -2.94 3.36 9.07
C ALA C 159 -2.44 4.72 9.54
N SER C 167 -1.07 6.16 17.35
CA SER C 167 -2.02 5.32 16.64
C SER C 167 -1.83 3.85 17.01
N TYR C 168 -0.69 3.57 17.66
CA TYR C 168 -0.26 2.22 17.99
C TYR C 168 1.18 2.21 18.50
N MET C 169 1.93 3.26 18.16
CA MET C 169 3.34 3.42 18.51
C MET C 169 4.14 2.45 17.66
N SER C 170 5.47 2.62 17.59
CA SER C 170 6.29 1.78 16.74
C SER C 170 6.72 0.52 17.47
N SER C 171 7.96 0.49 17.96
CA SER C 171 8.49 -0.67 18.65
C SER C 171 9.44 -0.23 19.75
N LYS C 172 9.77 -1.17 20.63
CA LYS C 172 10.82 -0.93 21.61
C LYS C 172 12.11 -1.28 20.87
N LYS C 173 12.70 -0.28 20.25
CA LYS C 173 13.91 -0.49 19.46
C LYS C 173 15.15 -0.33 20.34
N THR C 174 16.20 -1.04 19.95
CA THR C 174 17.43 -1.10 20.71
C THR C 174 18.56 -0.47 19.91
N PHE C 175 19.26 0.48 20.52
CA PHE C 175 20.36 1.19 19.88
C PHE C 175 21.66 0.52 20.33
N GLU C 176 22.23 -0.29 19.44
CA GLU C 176 23.46 -1.02 19.75
C GLU C 176 24.68 -0.24 19.30
N ILE C 177 25.72 -0.26 20.11
CA ILE C 177 26.99 0.37 19.79
C ILE C 177 28.09 -0.69 19.82
N SER C 178 29.05 -0.57 18.90
CA SER C 178 30.16 -1.49 18.85
C SER C 178 31.26 -0.92 19.74
N PRO C 179 31.64 -1.60 20.83
CA PRO C 179 32.60 -1.00 21.78
C PRO C 179 33.98 -0.96 21.27
N LYS C 180 34.24 -1.74 20.24
CA LYS C 180 35.55 -1.84 19.67
C LYS C 180 35.72 -1.04 18.40
N SER C 181 34.70 -0.13 18.06
CA SER C 181 34.69 0.79 16.92
C SER C 181 35.41 2.09 17.31
N PRO C 182 36.26 2.66 16.45
CA PRO C 182 36.96 3.89 16.85
C PRO C 182 36.04 5.05 17.17
N ILE C 183 35.00 5.29 16.36
CA ILE C 183 34.08 6.39 16.61
C ILE C 183 33.41 6.23 17.97
N ILE C 184 32.99 5.01 18.30
CA ILE C 184 32.35 4.77 19.59
C ILE C 184 33.35 4.95 20.73
N LYS C 185 34.58 4.46 20.55
CA LYS C 185 35.60 4.60 21.60
C LYS C 185 35.88 6.05 21.96
N GLU C 186 35.89 6.95 20.97
CA GLU C 186 36.12 8.36 21.28
C GLU C 186 34.97 8.91 22.13
N LEU C 187 33.74 8.50 21.82
CA LEU C 187 32.60 8.92 22.63
C LEU C 187 32.77 8.47 24.08
N LYS C 188 33.34 7.29 24.29
CA LYS C 188 33.62 6.84 25.65
C LYS C 188 34.58 7.78 26.36
N LYS C 189 35.60 8.27 25.64
CA LYS C 189 36.54 9.23 26.22
C LYS C 189 35.84 10.52 26.63
N ARG C 190 35.18 11.19 25.67
CA ARG C 190 34.54 12.46 25.94
C ARG C 190 33.53 12.38 27.08
N VAL C 191 32.77 11.29 27.16
CA VAL C 191 31.72 11.20 28.17
C VAL C 191 32.33 11.05 29.57
N ASP C 192 33.43 10.30 29.69
CA ASP C 192 34.10 10.23 30.98
C ASP C 192 34.85 11.51 31.32
N GLU C 193 34.88 12.50 30.42
CA GLU C 193 35.49 13.80 30.66
C GLU C 193 34.45 14.92 30.62
N GLY C 194 33.30 14.68 31.23
CA GLY C 194 32.24 15.66 31.26
C GLY C 194 31.64 15.93 29.90
N GLY C 195 31.17 14.86 29.24
CA GLY C 195 30.62 14.95 27.91
C GLY C 195 29.15 14.59 27.78
N ALA C 196 28.59 13.94 28.82
CA ALA C 196 27.22 13.44 28.85
C ALA C 196 26.24 14.41 28.18
N GLN C 197 26.47 15.71 28.38
CA GLN C 197 25.64 16.79 27.87
C GLN C 197 26.47 17.77 27.05
N ASP C 198 27.66 17.36 26.63
CA ASP C 198 28.48 18.14 25.70
C ASP C 198 27.84 18.24 24.32
N LYS C 199 28.06 19.38 23.65
CA LYS C 199 27.43 19.63 22.37
C LYS C 199 28.04 18.76 21.27
N THR C 200 29.35 18.52 21.32
CA THR C 200 29.98 17.67 20.32
C THR C 200 29.45 16.24 20.38
N VAL C 201 29.38 15.67 21.59
CA VAL C 201 28.85 14.33 21.81
C VAL C 201 27.40 14.24 21.33
N LYS C 202 26.53 15.02 21.96
CA LYS C 202 25.09 15.07 21.75
C LYS C 202 24.73 15.00 20.30
N ASP C 203 25.30 15.94 19.55
CA ASP C 203 25.07 16.04 18.11
C ASP C 203 25.51 14.77 17.41
N LEU C 204 26.63 14.17 17.84
CA LEU C 204 27.19 13.03 17.13
C LEU C 204 26.32 11.79 17.33
N THR C 205 25.91 11.53 18.57
CA THR C 205 25.05 10.39 18.83
C THR C 205 23.75 10.51 18.04
N LYS C 206 23.17 11.71 18.02
CA LYS C 206 21.99 11.93 17.18
C LYS C 206 22.30 11.56 15.74
N LEU C 207 23.43 12.07 15.22
CA LEU C 207 23.87 11.71 13.88
C LEU C 207 24.07 10.21 13.72
N LEU C 208 24.77 9.59 14.67
CA LEU C 208 24.93 8.14 14.62
C LEU C 208 23.58 7.44 14.68
N TYR C 209 22.73 7.85 15.63
CA TYR C 209 21.43 7.21 15.80
C TYR C 209 20.59 7.31 14.53
N GLU C 210 20.55 8.49 13.92
CA GLU C 210 19.77 8.64 12.70
C GLU C 210 20.35 7.82 11.55
N THR C 211 21.68 7.80 11.44
CA THR C 211 22.33 6.94 10.44
C THR C 211 21.98 5.47 10.68
N ALA C 212 22.17 4.99 11.91
CA ALA C 212 21.78 3.63 12.28
C ALA C 212 20.34 3.31 11.86
N LEU C 213 19.45 4.28 11.97
CA LEU C 213 18.05 4.07 11.57
C LEU C 213 17.95 3.70 10.09
N LEU C 214 18.51 4.53 9.21
CA LEU C 214 18.41 4.32 7.77
C LEU C 214 19.03 2.98 7.35
N THR C 215 20.19 2.65 7.90
CA THR C 215 20.84 1.38 7.58
C THR C 215 19.92 0.19 7.87
N SER C 216 18.99 0.35 8.81
CA SER C 216 18.15 -0.76 9.25
C SER C 216 16.75 -0.73 8.62
N GLY C 217 16.50 0.13 7.64
CA GLY C 217 15.28 0.10 6.87
C GLY C 217 14.19 1.04 7.32
N PHE C 218 14.26 1.53 8.56
CA PHE C 218 13.25 2.46 9.09
C PHE C 218 13.43 3.84 8.47
N SER C 219 12.50 4.74 8.78
CA SER C 219 12.52 6.10 8.26
C SER C 219 12.77 7.11 9.37
N LEU C 220 13.13 8.33 8.94
CA LEU C 220 13.68 9.36 9.81
C LEU C 220 12.60 10.24 10.44
N ASP C 221 12.94 10.76 11.62
CA ASP C 221 12.17 11.85 12.22
C ASP C 221 12.78 13.18 11.79
N GLU C 222 11.98 14.00 11.10
CA GLU C 222 12.40 15.32 10.61
C GLU C 222 13.70 15.26 9.83
N PRO C 223 13.65 14.98 8.52
CA PRO C 223 14.91 14.89 7.75
C PRO C 223 15.68 16.20 7.70
N THR C 224 15.02 17.35 7.90
CA THR C 224 15.73 18.62 7.89
C THR C 224 16.71 18.73 9.05
N SER C 225 16.26 18.39 10.26
CA SER C 225 17.16 18.34 11.41
C SER C 225 18.38 17.48 11.12
N PHE C 226 18.16 16.29 10.58
CA PHE C 226 19.27 15.41 10.18
C PHE C 226 20.12 16.09 9.12
N ALA C 227 19.51 16.47 8.00
CA ALA C 227 20.22 17.12 6.90
C ALA C 227 21.10 18.25 7.38
N SER C 228 20.55 19.18 8.16
CA SER C 228 21.33 20.32 8.64
C SER C 228 22.47 19.88 9.54
N ARG C 229 22.24 18.87 10.38
CA ARG C 229 23.33 18.26 11.13
C ARG C 229 24.40 17.76 10.17
N ILE C 230 24.00 16.98 9.16
CA ILE C 230 24.91 16.54 8.12
C ILE C 230 25.64 17.72 7.50
N ASN C 231 24.89 18.64 6.88
CA ASN C 231 25.48 19.74 6.13
C ASN C 231 26.51 20.50 6.96
N ARG C 232 26.16 20.83 8.20
CA ARG C 232 27.16 21.34 9.15
C ARG C 232 28.41 20.48 9.14
N LEU C 233 28.25 19.16 9.23
CA LEU C 233 29.39 18.25 9.35
C LEU C 233 30.17 18.15 8.05
N ILE C 234 29.49 18.03 6.91
CA ILE C 234 30.22 17.85 5.65
C ILE C 234 30.98 19.10 5.24
N SER C 235 30.68 20.25 5.85
CA SER C 235 31.48 21.44 5.62
C SER C 235 32.67 21.53 6.58
N LEU C 236 32.58 20.87 7.74
CA LEU C 236 33.72 20.79 8.64
C LEU C 236 34.84 19.93 8.04
N GLY C 237 34.48 18.89 7.30
CA GLY C 237 35.44 17.99 6.69
C GLY C 237 35.96 18.52 5.37
N LEU C 238 35.97 19.84 5.22
CA LEU C 238 36.42 20.51 4.01
C LEU C 238 37.63 21.39 4.31
N ASN C 239 38.10 21.39 5.55
CA ASN C 239 39.36 22.04 5.92
C ASN C 239 40.49 21.02 5.89
N ILE C 240 40.50 20.17 4.86
CA ILE C 240 41.39 19.03 4.75
C ILE C 240 42.12 19.07 3.43
N ASP C 241 43.45 19.09 3.49
CA ASP C 241 44.37 19.02 2.34
C ASP C 241 43.82 19.58 1.03
N LEU D 1 -0.83 -2.72 24.46
CA LEU D 1 -2.05 -1.91 24.50
C LEU D 1 -2.72 -2.01 25.87
N ALA D 2 -2.93 -3.24 26.33
CA ALA D 2 -3.49 -3.51 27.65
C ALA D 2 -4.77 -2.71 27.89
N LYS D 3 -4.64 -1.57 28.57
CA LYS D 3 -5.75 -0.67 28.85
C LYS D 3 -5.92 0.45 27.81
N LEU D 4 -5.28 0.33 26.64
CA LEU D 4 -5.21 1.44 25.69
C LEU D 4 -6.60 1.97 25.29
N LEU D 5 -7.57 1.07 25.08
CA LEU D 5 -8.93 1.41 24.66
C LEU D 5 -9.00 1.93 23.22
N ARG D 6 -9.12 1.01 22.24
CA ARG D 6 -9.11 1.42 20.83
C ARG D 6 -9.85 0.44 19.92
N TYR D 7 -10.84 -0.29 20.44
CA TYR D 7 -11.57 -1.28 19.66
C TYR D 7 -13.06 -1.21 19.98
N ASN D 8 -13.89 -1.42 18.97
CA ASN D 8 -15.31 -1.69 19.19
C ASN D 8 -15.52 -3.17 19.48
N SER D 9 -16.77 -3.51 19.83
CA SER D 9 -17.11 -4.88 20.17
C SER D 9 -18.63 -5.04 20.12
N THR D 10 -19.06 -6.31 20.08
CA THR D 10 -20.49 -6.61 20.04
C THR D 10 -21.21 -6.08 21.27
N LYS D 11 -20.51 -5.93 22.40
CA LYS D 11 -21.07 -5.35 23.60
C LYS D 11 -20.67 -3.89 23.79
N SER D 12 -20.23 -3.23 22.71
CA SER D 12 -19.83 -1.83 22.78
C SER D 12 -19.61 -1.21 21.41
N VAL D 13 -20.68 -0.93 20.67
CA VAL D 13 -20.55 -0.13 19.46
C VAL D 13 -20.70 1.34 19.84
N ASP D 14 -20.16 2.22 18.99
CA ASP D 14 -20.10 3.66 19.18
C ASP D 14 -19.04 4.07 20.19
N GLU D 15 -19.20 3.69 21.45
CA GLU D 15 -18.21 4.05 22.46
C GLU D 15 -17.07 3.04 22.43
N LEU D 16 -15.84 3.54 22.47
CA LEU D 16 -14.67 2.68 22.40
C LEU D 16 -14.39 2.02 23.75
N THR D 17 -13.71 0.87 23.70
CA THR D 17 -13.44 0.10 24.90
C THR D 17 -12.03 -0.50 24.82
N SER D 18 -11.51 -0.86 25.98
CA SER D 18 -10.18 -1.43 26.12
C SER D 18 -10.21 -2.95 26.14
N LEU D 19 -9.03 -3.55 25.98
CA LEU D 19 -8.90 -4.99 26.17
C LEU D 19 -9.25 -5.38 27.60
N THR D 20 -8.64 -4.71 28.59
CA THR D 20 -8.93 -5.01 29.98
C THR D 20 -10.39 -4.75 30.31
N ASP D 21 -11.06 -3.92 29.53
CA ASP D 21 -12.50 -3.73 29.72
C ASP D 21 -13.25 -4.99 29.33
N TYR D 22 -12.98 -5.53 28.14
CA TYR D 22 -13.48 -6.82 27.71
C TYR D 22 -13.34 -7.87 28.81
N VAL D 23 -12.20 -7.90 29.50
CA VAL D 23 -11.90 -9.03 30.38
C VAL D 23 -12.78 -9.02 31.62
N THR D 24 -13.27 -7.86 32.04
CA THR D 24 -14.17 -7.84 33.19
C THR D 24 -15.58 -8.30 32.81
N ARG D 25 -16.01 -7.98 31.59
CA ARG D 25 -17.34 -8.35 31.12
C ARG D 25 -17.48 -9.84 30.84
N MET D 26 -16.39 -10.59 30.83
CA MET D 26 -16.45 -12.01 30.52
C MET D 26 -17.15 -12.77 31.65
N PRO D 27 -18.14 -13.61 31.35
CA PRO D 27 -18.68 -14.50 32.37
C PRO D 27 -17.62 -15.46 32.88
N GLU D 28 -17.84 -15.97 34.09
CA GLU D 28 -16.85 -16.83 34.73
C GLU D 28 -16.51 -18.05 33.87
N HIS D 29 -17.49 -18.57 33.13
CA HIS D 29 -17.31 -19.79 32.35
C HIS D 29 -16.84 -19.51 30.93
N GLN D 30 -16.45 -18.27 30.63
CA GLN D 30 -15.87 -17.93 29.34
C GLN D 30 -14.36 -18.12 29.44
N LYS D 31 -13.81 -19.03 28.64
CA LYS D 31 -12.38 -19.33 28.71
C LYS D 31 -11.52 -18.46 27.80
N ASN D 32 -12.09 -17.90 26.73
CA ASN D 32 -11.31 -17.26 25.69
C ASN D 32 -11.72 -15.81 25.46
N ILE D 33 -10.82 -15.08 24.79
CA ILE D 33 -11.08 -13.73 24.29
C ILE D 33 -11.26 -13.80 22.78
N TYR D 34 -12.41 -13.33 22.30
CA TYR D 34 -12.81 -13.48 20.90
C TYR D 34 -12.75 -12.14 20.17
N TYR D 35 -12.16 -12.14 18.97
CA TYR D 35 -12.15 -10.97 18.11
C TYR D 35 -12.27 -11.40 16.66
N ILE D 36 -12.54 -10.42 15.79
CA ILE D 36 -12.80 -10.65 14.38
C ILE D 36 -12.24 -9.48 13.58
N THR D 37 -11.76 -9.77 12.36
CA THR D 37 -11.09 -8.75 11.55
C THR D 37 -11.83 -8.56 10.23
N GLY D 38 -11.80 -7.32 9.75
CA GLY D 38 -12.48 -6.92 8.52
C GLY D 38 -11.98 -5.56 8.10
N GLU D 39 -12.34 -5.18 6.88
CA GLU D 39 -11.91 -3.89 6.34
C GLU D 39 -12.39 -2.74 7.21
N SER D 40 -13.70 -2.66 7.44
CA SER D 40 -14.31 -1.60 8.21
C SER D 40 -15.28 -2.21 9.20
N LEU D 41 -15.69 -1.39 10.18
CA LEU D 41 -16.68 -1.83 11.16
C LEU D 41 -17.95 -2.31 10.47
N LYS D 42 -18.48 -1.51 9.54
CA LYS D 42 -19.71 -1.88 8.83
C LYS D 42 -19.62 -3.25 8.20
N ALA D 43 -18.44 -3.63 7.70
CA ALA D 43 -18.27 -4.95 7.10
C ALA D 43 -18.34 -6.04 8.17
N VAL D 44 -17.50 -5.93 9.19
CA VAL D 44 -17.38 -6.98 10.20
C VAL D 44 -18.62 -7.05 11.10
N GLU D 45 -19.28 -5.90 11.33
CA GLU D 45 -20.39 -5.81 12.28
C GLU D 45 -21.43 -6.91 12.09
N LYS D 46 -21.73 -7.28 10.84
CA LYS D 46 -22.80 -8.22 10.55
C LYS D 46 -22.28 -9.56 10.02
N SER D 47 -21.03 -9.87 10.30
CA SER D 47 -20.42 -11.09 9.78
C SER D 47 -21.18 -12.33 10.28
N PRO D 48 -21.36 -13.35 9.44
CA PRO D 48 -22.06 -14.57 9.89
C PRO D 48 -21.32 -15.35 10.97
N PHE D 49 -20.06 -15.00 11.27
CA PHE D 49 -19.32 -15.70 12.31
C PHE D 49 -19.73 -15.29 13.71
N LEU D 50 -20.31 -14.09 13.86
CA LEU D 50 -20.67 -13.59 15.19
C LEU D 50 -21.84 -14.35 15.79
N ASP D 51 -22.78 -14.79 14.96
CA ASP D 51 -24.04 -15.35 15.45
C ASP D 51 -23.82 -16.47 16.45
N ALA D 52 -22.87 -17.37 16.17
CA ALA D 52 -22.60 -18.46 17.10
C ALA D 52 -22.12 -17.95 18.45
N LEU D 53 -21.31 -16.88 18.44
CA LEU D 53 -20.77 -16.36 19.69
C LEU D 53 -21.85 -15.66 20.51
N LYS D 54 -22.61 -14.77 19.86
CA LYS D 54 -23.68 -14.05 20.55
C LYS D 54 -24.69 -15.01 21.17
N ALA D 55 -24.99 -16.13 20.49
CA ALA D 55 -25.92 -17.11 21.04
C ALA D 55 -25.44 -17.63 22.40
N LYS D 56 -24.15 -17.58 22.66
CA LYS D 56 -23.59 -17.95 23.96
C LYS D 56 -23.33 -16.73 24.84
N ASN D 57 -23.84 -15.56 24.45
CA ASN D 57 -23.69 -14.31 25.22
C ASN D 57 -22.23 -13.91 25.39
N PHE D 58 -21.42 -14.16 24.35
CA PHE D 58 -20.00 -13.83 24.37
C PHE D 58 -19.72 -12.57 23.58
N GLU D 59 -18.85 -11.71 24.14
CA GLU D 59 -18.45 -10.49 23.48
C GLU D 59 -17.37 -10.79 22.43
N VAL D 60 -17.41 -10.05 21.32
CA VAL D 60 -16.46 -10.21 20.23
C VAL D 60 -15.89 -8.85 19.88
N LEU D 61 -14.56 -8.75 19.85
CA LEU D 61 -13.88 -7.51 19.55
C LEU D 61 -13.82 -7.29 18.03
N PHE D 62 -13.78 -6.00 17.65
CA PHE D 62 -13.74 -5.60 16.24
C PHE D 62 -12.39 -4.99 15.93
N LEU D 63 -11.64 -5.62 15.04
CA LEU D 63 -10.31 -5.16 14.62
C LEU D 63 -10.36 -4.81 13.13
N THR D 64 -10.55 -3.53 12.82
CA THR D 64 -10.55 -3.08 11.43
C THR D 64 -9.19 -2.64 10.94
N ASP D 65 -8.32 -2.21 11.84
CA ASP D 65 -6.97 -1.74 11.54
C ASP D 65 -6.00 -2.91 11.54
N PRO D 66 -5.19 -3.07 10.49
CA PRO D 66 -4.28 -4.22 10.44
C PRO D 66 -3.22 -4.18 11.53
N ILE D 67 -2.89 -3.02 12.07
CA ILE D 67 -1.91 -2.95 13.16
C ILE D 67 -2.40 -3.76 14.36
N ASP D 68 -3.63 -3.51 14.82
CA ASP D 68 -4.16 -4.25 15.95
C ASP D 68 -4.22 -5.74 15.65
N GLU D 69 -4.60 -6.10 14.43
CA GLU D 69 -4.64 -7.51 14.05
C GLU D 69 -3.26 -8.15 14.20
N TYR D 70 -2.23 -7.46 13.71
CA TYR D 70 -0.86 -7.93 13.90
C TYR D 70 -0.55 -8.10 15.38
N ALA D 71 -0.83 -7.08 16.19
CA ALA D 71 -0.55 -7.12 17.62
C ALA D 71 -1.19 -8.35 18.28
N PHE D 72 -2.50 -8.52 18.09
CA PHE D 72 -3.22 -9.63 18.73
C PHE D 72 -2.68 -10.98 18.27
N THR D 73 -2.23 -11.09 17.02
CA THR D 73 -1.69 -12.35 16.54
C THR D 73 -0.35 -12.66 17.21
N GLN D 74 0.38 -11.61 17.63
CA GLN D 74 1.61 -11.79 18.39
C GLN D 74 1.34 -12.12 19.86
N LEU D 75 0.28 -11.55 20.44
CA LEU D 75 0.01 -11.75 21.85
C LEU D 75 -0.32 -13.20 22.16
N LYS D 76 -1.25 -13.79 21.40
CA LYS D 76 -1.58 -15.21 21.48
C LYS D 76 -2.29 -15.56 22.79
N GLU D 77 -1.97 -14.84 23.87
CA GLU D 77 -2.65 -15.04 25.13
C GLU D 77 -2.80 -13.71 25.87
N PHE D 78 -3.70 -13.69 26.84
CA PHE D 78 -3.82 -12.61 27.81
C PHE D 78 -3.88 -13.26 29.18
N GLU D 79 -4.90 -14.10 29.40
CA GLU D 79 -4.92 -15.13 30.43
C GLU D 79 -5.57 -16.36 29.82
N GLY D 80 -6.72 -16.16 29.19
CA GLY D 80 -7.22 -17.14 28.25
C GLY D 80 -6.69 -16.87 26.86
N LYS D 81 -6.69 -17.90 26.03
CA LYS D 81 -6.11 -17.76 24.70
C LYS D 81 -7.03 -16.88 23.85
N THR D 82 -6.45 -15.81 23.30
CA THR D 82 -7.16 -15.02 22.30
C THR D 82 -7.22 -15.78 20.99
N LEU D 83 -8.26 -15.49 20.20
CA LEU D 83 -8.43 -16.24 18.97
C LEU D 83 -9.29 -15.47 17.99
N VAL D 84 -8.84 -15.45 16.73
CA VAL D 84 -9.70 -15.13 15.61
C VAL D 84 -10.80 -16.18 15.48
N ASP D 85 -12.04 -15.72 15.27
CA ASP D 85 -13.08 -16.66 14.85
C ASP D 85 -13.34 -16.58 13.35
N ILE D 86 -12.61 -15.76 12.59
CA ILE D 86 -12.52 -15.99 11.16
C ILE D 86 -11.81 -17.31 10.90
N THR D 87 -10.80 -17.62 11.71
CA THR D 87 -10.11 -18.89 11.58
C THR D 87 -10.89 -19.98 12.32
N LYS D 88 -10.35 -21.20 12.28
CA LYS D 88 -11.06 -22.36 12.80
C LYS D 88 -10.89 -22.44 14.31
N ASP D 89 -12.02 -22.35 15.02
CA ASP D 89 -12.09 -22.57 16.46
C ASP D 89 -13.14 -23.62 16.74
N PHE D 90 -13.07 -24.21 17.93
CA PHE D 90 -14.04 -25.21 18.37
C PHE D 90 -14.80 -24.74 19.59
N GLU D 91 -16.11 -24.53 19.44
CA GLU D 91 -16.98 -24.19 20.54
C GLU D 91 -17.39 -25.43 21.33
N LEU D 92 -17.47 -25.29 22.65
CA LEU D 92 -17.91 -26.34 23.57
C LEU D 92 -19.12 -27.10 23.06
N GLU D 93 -18.95 -28.38 22.72
CA GLU D 93 -19.99 -29.16 22.07
C GLU D 93 -21.10 -29.50 23.05
N GLU D 94 -22.23 -28.79 22.94
CA GLU D 94 -23.40 -28.95 23.81
C GLU D 94 -23.59 -30.41 24.19
N THR D 95 -23.18 -30.77 25.41
CA THR D 95 -23.15 -32.12 25.99
C THR D 95 -22.63 -33.19 25.03
N ASP D 96 -22.43 -34.40 25.54
CA ASP D 96 -22.04 -35.51 24.67
C ASP D 96 -23.16 -35.89 23.70
N GLU D 97 -24.39 -35.49 23.99
CA GLU D 97 -25.51 -35.81 23.12
C GLU D 97 -25.38 -35.12 21.76
N GLU D 98 -25.16 -33.81 21.74
CA GLU D 98 -25.08 -33.10 20.47
C GLU D 98 -23.81 -33.50 19.72
N LYS D 99 -22.68 -33.57 20.43
CA LYS D 99 -21.44 -34.00 19.81
C LYS D 99 -21.58 -35.37 19.16
N ALA D 100 -22.61 -36.13 19.53
CA ALA D 100 -22.99 -37.37 18.87
C ALA D 100 -24.08 -37.15 17.82
N GLU D 101 -25.18 -36.48 18.20
CA GLU D 101 -26.24 -36.22 17.24
C GLU D 101 -25.71 -35.51 16.00
N ARG D 102 -24.67 -34.69 16.16
CA ARG D 102 -24.04 -34.08 14.99
C ARG D 102 -23.13 -35.08 14.30
N GLU D 103 -22.13 -35.60 15.02
CA GLU D 103 -21.18 -36.59 14.52
C GLU D 103 -21.87 -37.61 13.63
N LYS D 104 -23.10 -37.98 13.99
CA LYS D 104 -23.95 -38.75 13.11
C LYS D 104 -24.18 -38.01 11.79
N GLU D 105 -24.61 -36.74 11.87
CA GLU D 105 -25.02 -36.00 10.69
C GLU D 105 -23.86 -35.74 9.72
N ILE D 106 -22.66 -35.42 10.22
CA ILE D 106 -21.54 -35.20 9.30
C ILE D 106 -21.35 -36.38 8.36
N LYS D 107 -21.51 -37.60 8.88
CA LYS D 107 -21.38 -38.79 8.04
C LYS D 107 -22.43 -38.79 6.95
N GLU D 108 -23.69 -38.52 7.31
CA GLU D 108 -24.74 -38.45 6.31
C GLU D 108 -24.53 -37.31 5.33
N TYR D 109 -23.56 -36.43 5.59
CA TYR D 109 -23.17 -35.37 4.67
C TYR D 109 -21.87 -35.67 3.95
N GLU D 110 -21.23 -36.80 4.23
CA GLU D 110 -20.04 -37.17 3.49
C GLU D 110 -20.28 -37.24 1.99
N PRO D 111 -21.45 -37.69 1.49
CA PRO D 111 -21.72 -37.50 0.06
C PRO D 111 -21.61 -36.05 -0.36
N LEU D 112 -22.18 -35.12 0.42
CA LEU D 112 -22.07 -33.70 0.08
C LEU D 112 -20.63 -33.20 0.22
N THR D 113 -20.06 -33.30 1.42
CA THR D 113 -18.73 -32.75 1.69
C THR D 113 -17.70 -33.26 0.69
N LYS D 114 -17.80 -34.54 0.32
CA LYS D 114 -16.93 -35.06 -0.72
C LYS D 114 -17.22 -34.40 -2.06
N ALA D 115 -18.50 -34.38 -2.46
CA ALA D 115 -18.90 -33.80 -3.75
C ALA D 115 -18.48 -32.34 -3.88
N LEU D 116 -18.82 -31.50 -2.90
CA LEU D 116 -18.49 -30.08 -3.00
C LEU D 116 -16.99 -29.86 -3.12
N LYS D 117 -16.19 -30.69 -2.45
CA LYS D 117 -14.74 -30.64 -2.60
C LYS D 117 -14.32 -30.74 -4.06
N GLU D 118 -15.02 -31.55 -4.84
CA GLU D 118 -14.69 -31.72 -6.25
C GLU D 118 -14.93 -30.44 -7.06
N ILE D 119 -16.10 -29.81 -6.89
CA ILE D 119 -16.47 -28.66 -7.73
C ILE D 119 -15.53 -27.50 -7.51
N LEU D 120 -15.11 -27.29 -6.26
CA LEU D 120 -14.26 -26.14 -5.93
C LEU D 120 -12.81 -26.39 -6.31
N GLY D 121 -12.38 -27.64 -6.26
CA GLY D 121 -11.03 -27.99 -6.68
C GLY D 121 -9.99 -27.56 -5.65
N ASP D 122 -8.89 -26.98 -6.14
CA ASP D 122 -7.74 -26.65 -5.31
C ASP D 122 -7.94 -25.42 -4.44
N GLN D 123 -8.98 -24.62 -4.69
CA GLN D 123 -9.13 -23.34 -4.01
C GLN D 123 -9.32 -23.47 -2.50
N VAL D 124 -9.71 -24.65 -2.01
CA VAL D 124 -9.92 -24.85 -0.59
C VAL D 124 -9.12 -26.07 -0.13
N GLU D 125 -8.77 -26.08 1.16
CA GLU D 125 -8.15 -27.26 1.74
C GLU D 125 -9.17 -28.35 2.04
N LYS D 126 -10.30 -27.98 2.65
CA LYS D 126 -11.35 -28.92 2.98
C LYS D 126 -12.71 -28.29 2.70
N VAL D 127 -13.73 -29.14 2.70
CA VAL D 127 -15.13 -28.74 2.72
C VAL D 127 -15.78 -29.51 3.87
N VAL D 128 -16.41 -28.79 4.79
CA VAL D 128 -16.83 -29.37 6.06
C VAL D 128 -18.16 -28.75 6.47
N VAL D 129 -19.02 -29.55 7.10
CA VAL D 129 -20.25 -29.05 7.69
C VAL D 129 -19.94 -28.41 9.04
N SER D 130 -20.60 -27.29 9.28
CA SER D 130 -20.31 -26.43 10.42
C SER D 130 -21.55 -26.12 11.24
N TYR D 131 -21.44 -26.15 12.57
CA TYR D 131 -22.52 -25.80 13.49
C TYR D 131 -22.27 -24.45 14.12
N LYS D 132 -21.09 -23.89 13.79
CA LYS D 132 -20.57 -22.52 13.87
C LYS D 132 -21.57 -21.52 13.39
N LEU D 133 -22.38 -21.94 12.42
CA LEU D 133 -22.92 -21.06 11.40
C LEU D 133 -24.42 -21.17 11.41
N LEU D 134 -25.06 -20.09 11.82
CA LEU D 134 -26.50 -19.93 11.81
C LEU D 134 -26.76 -18.65 11.04
N ASP D 135 -27.90 -18.59 10.35
CA ASP D 135 -28.29 -17.44 9.54
C ASP D 135 -27.44 -17.30 8.28
N ALA D 136 -27.01 -18.42 7.70
CA ALA D 136 -26.23 -18.45 6.46
C ALA D 136 -26.08 -19.88 5.95
N PRO D 137 -26.09 -20.10 4.63
CA PRO D 137 -25.88 -21.47 4.13
C PRO D 137 -24.41 -21.88 4.17
N ALA D 138 -23.51 -20.94 3.89
CA ALA D 138 -22.09 -21.27 3.79
C ALA D 138 -21.24 -20.04 4.08
N ALA D 139 -20.02 -20.29 4.56
CA ALA D 139 -19.03 -19.25 4.78
C ALA D 139 -17.64 -19.84 4.59
N ILE D 140 -16.64 -18.96 4.65
CA ILE D 140 -15.24 -19.32 4.40
C ILE D 140 -14.42 -18.96 5.63
N ARG D 141 -13.81 -19.97 6.24
CA ARG D 141 -12.96 -19.77 7.41
C ARG D 141 -11.50 -19.89 7.00
N THR D 142 -10.74 -18.82 7.24
CA THR D 142 -9.29 -18.91 7.15
C THR D 142 -8.80 -20.04 8.02
N GLY D 143 -7.83 -20.80 7.53
CA GLY D 143 -7.21 -21.81 8.37
C GLY D 143 -6.10 -21.21 9.22
N GLN D 144 -5.95 -21.74 10.44
CA GLN D 144 -4.81 -21.38 11.26
C GLN D 144 -3.57 -22.02 10.63
N PHE D 145 -2.66 -21.15 10.22
CA PHE D 145 -1.61 -21.25 9.21
C PHE D 145 -1.80 -20.13 8.24
N GLY D 146 -2.90 -19.41 8.34
CA GLY D 146 -3.32 -18.58 7.24
C GLY D 146 -3.39 -17.08 7.41
N TRP D 147 -4.17 -16.49 6.52
CA TRP D 147 -4.30 -15.06 6.36
C TRP D 147 -5.72 -14.61 6.63
N SER D 148 -5.86 -13.66 7.54
CA SER D 148 -7.11 -12.94 7.69
C SER D 148 -7.39 -12.08 6.44
N ALA D 149 -8.67 -11.80 6.22
CA ALA D 149 -9.11 -11.02 5.05
C ALA D 149 -8.37 -9.70 4.92
N ASN D 150 -8.23 -8.96 6.03
CA ASN D 150 -7.58 -7.66 5.98
C ASN D 150 -6.15 -7.77 5.47
N MET D 151 -5.45 -8.85 5.82
CA MET D 151 -4.05 -9.02 5.43
C MET D 151 -3.87 -9.13 3.93
N GLU D 152 -4.52 -10.14 3.32
CA GLU D 152 -4.48 -10.31 1.86
C GLU D 152 -4.74 -9.01 1.11
N ARG D 153 -5.70 -8.22 1.56
CA ARG D 153 -6.04 -6.98 0.87
C ARG D 153 -4.84 -6.05 0.77
N ILE D 154 -4.13 -5.85 1.89
CA ILE D 154 -3.02 -4.91 1.90
C ILE D 154 -1.72 -5.51 1.36
N MET D 155 -1.49 -6.81 1.59
CA MET D 155 -0.24 -7.42 1.15
C MET D 155 -0.26 -7.76 -0.34
N LYS D 156 -1.44 -7.89 -0.94
CA LYS D 156 -1.52 -8.07 -2.38
C LYS D 156 -1.08 -6.80 -3.11
N ALA D 157 -1.45 -5.64 -2.57
CA ALA D 157 -1.06 -4.37 -3.17
C ALA D 157 0.46 -4.19 -3.19
N GLN D 158 1.18 -4.85 -2.28
CA GLN D 158 2.62 -4.67 -2.16
C GLN D 158 3.40 -5.86 -2.70
N ALA D 159 2.80 -6.63 -3.61
CA ALA D 159 3.49 -7.70 -4.31
C ALA D 159 2.66 -8.30 -5.43
N LEU D 160 2.95 -9.56 -5.77
CA LEU D 160 2.31 -10.32 -6.85
C LEU D 160 0.88 -9.89 -7.20
N SER D 167 4.81 -16.64 -6.40
CA SER D 167 3.66 -16.24 -5.62
C SER D 167 3.37 -17.21 -4.49
N TYR D 168 3.43 -16.71 -3.25
CA TYR D 168 3.26 -17.55 -2.07
C TYR D 168 1.85 -18.12 -1.98
N MET D 169 0.90 -17.57 -2.74
CA MET D 169 -0.50 -17.98 -2.88
C MET D 169 -1.30 -17.74 -1.62
N SER D 170 -2.60 -17.50 -1.78
CA SER D 170 -3.49 -17.21 -0.67
C SER D 170 -3.93 -18.54 -0.08
N SER D 171 -3.31 -18.89 1.06
CA SER D 171 -3.44 -20.09 1.88
C SER D 171 -4.68 -20.98 1.73
N LYS D 172 -4.60 -22.14 2.38
CA LYS D 172 -5.64 -23.16 2.33
C LYS D 172 -6.81 -22.76 3.23
N LYS D 173 -7.87 -22.26 2.60
CA LYS D 173 -9.10 -21.81 3.23
C LYS D 173 -10.09 -22.98 3.34
N THR D 174 -11.00 -22.85 4.31
CA THR D 174 -11.97 -23.90 4.62
C THR D 174 -13.39 -23.43 4.29
N PHE D 175 -14.11 -24.22 3.49
CA PHE D 175 -15.46 -23.91 3.03
C PHE D 175 -16.49 -24.63 3.89
N GLU D 176 -17.16 -23.89 4.76
CA GLU D 176 -18.15 -24.42 5.67
C GLU D 176 -19.57 -24.28 5.13
N ILE D 177 -20.38 -25.31 5.35
CA ILE D 177 -21.80 -25.31 5.02
C ILE D 177 -22.60 -25.59 6.28
N SER D 178 -23.77 -24.96 6.39
CA SER D 178 -24.66 -25.15 7.53
C SER D 178 -25.68 -26.24 7.23
N PRO D 179 -25.75 -27.31 8.01
CA PRO D 179 -26.72 -28.38 7.70
C PRO D 179 -28.17 -27.99 7.99
N LYS D 180 -28.40 -26.88 8.68
CA LYS D 180 -29.73 -26.39 8.99
C LYS D 180 -30.25 -25.41 7.95
N SER D 181 -29.51 -25.21 6.86
CA SER D 181 -30.00 -24.24 5.89
C SER D 181 -30.87 -24.93 4.85
N PRO D 182 -31.99 -24.32 4.48
CA PRO D 182 -32.83 -24.94 3.43
C PRO D 182 -32.05 -25.18 2.15
N ILE D 183 -31.22 -24.23 1.75
CA ILE D 183 -30.42 -24.40 0.54
C ILE D 183 -29.49 -25.61 0.67
N ILE D 184 -28.82 -25.76 1.83
CA ILE D 184 -27.85 -26.84 2.05
C ILE D 184 -28.53 -28.19 2.18
N LYS D 185 -29.57 -28.28 3.03
CA LYS D 185 -30.30 -29.54 3.17
C LYS D 185 -30.73 -30.03 1.81
N GLU D 186 -30.92 -29.10 0.89
CA GLU D 186 -31.68 -29.44 -0.29
C GLU D 186 -30.75 -29.77 -1.42
N LEU D 187 -29.63 -29.07 -1.43
CA LEU D 187 -28.52 -29.51 -2.24
C LEU D 187 -28.05 -30.95 -1.88
N LYS D 188 -28.17 -31.36 -0.61
CA LYS D 188 -27.86 -32.75 -0.25
C LYS D 188 -28.76 -33.73 -1.00
N LYS D 189 -30.02 -33.35 -1.20
CA LYS D 189 -30.94 -34.18 -1.96
C LYS D 189 -30.41 -34.43 -3.37
N ARG D 190 -30.08 -33.37 -4.09
CA ARG D 190 -29.58 -33.52 -5.46
C ARG D 190 -28.37 -34.45 -5.51
N VAL D 191 -27.45 -34.31 -4.56
CA VAL D 191 -26.24 -35.14 -4.58
C VAL D 191 -26.59 -36.58 -4.17
N ASP D 192 -27.48 -36.76 -3.20
CA ASP D 192 -27.90 -38.11 -2.84
C ASP D 192 -28.80 -38.75 -3.88
N GLU D 193 -29.18 -38.02 -4.91
CA GLU D 193 -29.95 -38.54 -6.04
C GLU D 193 -29.14 -38.42 -7.33
N GLY D 194 -27.85 -38.73 -7.24
CA GLY D 194 -26.96 -38.68 -8.38
C GLY D 194 -26.71 -37.29 -8.92
N GLY D 195 -26.22 -36.38 -8.09
CA GLY D 195 -26.00 -35.03 -8.57
C GLY D 195 -24.55 -34.56 -8.63
N ALA D 196 -23.65 -35.25 -7.92
CA ALA D 196 -22.25 -34.84 -7.75
C ALA D 196 -21.68 -34.21 -9.02
N GLN D 197 -22.20 -34.63 -10.16
CA GLN D 197 -21.65 -34.32 -11.47
C GLN D 197 -22.66 -33.57 -12.32
N ASP D 198 -23.79 -33.15 -11.73
CA ASP D 198 -24.82 -32.35 -12.36
C ASP D 198 -24.38 -30.92 -12.66
N LYS D 199 -24.96 -30.35 -13.73
CA LYS D 199 -24.64 -28.98 -14.14
C LYS D 199 -25.32 -27.94 -13.28
N THR D 200 -26.60 -28.17 -12.91
CA THR D 200 -27.31 -27.21 -12.06
C THR D 200 -26.65 -27.11 -10.69
N VAL D 201 -26.24 -28.25 -10.12
CA VAL D 201 -25.46 -28.24 -8.89
C VAL D 201 -24.19 -27.42 -9.08
N LYS D 202 -23.37 -27.81 -10.07
CA LYS D 202 -22.08 -27.17 -10.30
C LYS D 202 -22.19 -25.65 -10.31
N ASP D 203 -23.15 -25.11 -11.08
CA ASP D 203 -23.33 -23.67 -11.12
C ASP D 203 -23.65 -23.11 -9.74
N LEU D 204 -24.46 -23.85 -8.95
CA LEU D 204 -24.95 -23.33 -7.69
C LEU D 204 -23.88 -23.30 -6.61
N THR D 205 -23.14 -24.41 -6.43
CA THR D 205 -22.11 -24.45 -5.40
C THR D 205 -21.05 -23.37 -5.63
N LYS D 206 -20.63 -23.19 -6.89
CA LYS D 206 -19.71 -22.11 -7.22
C LYS D 206 -20.26 -20.77 -6.76
N LEU D 207 -21.54 -20.52 -7.03
CA LEU D 207 -22.19 -19.30 -6.57
C LEU D 207 -22.16 -19.15 -5.06
N LEU D 208 -22.50 -20.23 -4.33
CA LEU D 208 -22.46 -20.17 -2.87
C LEU D 208 -21.05 -19.87 -2.38
N TYR D 209 -20.06 -20.62 -2.91
CA TYR D 209 -18.68 -20.43 -2.48
C TYR D 209 -18.21 -19.01 -2.76
N GLU D 210 -18.57 -18.46 -3.92
CA GLU D 210 -18.15 -17.12 -4.28
C GLU D 210 -18.77 -16.06 -3.38
N THR D 211 -20.05 -16.21 -3.04
CA THR D 211 -20.68 -15.30 -2.08
C THR D 211 -20.02 -15.37 -0.72
N ALA D 212 -19.84 -16.58 -0.19
CA ALA D 212 -19.13 -16.78 1.06
C ALA D 212 -17.81 -16.02 1.09
N LEU D 213 -17.12 -15.96 -0.06
CA LEU D 213 -15.89 -15.18 -0.16
C LEU D 213 -16.17 -13.72 0.17
N LEU D 214 -17.14 -13.13 -0.53
CA LEU D 214 -17.49 -11.73 -0.31
C LEU D 214 -17.96 -11.49 1.12
N THR D 215 -18.81 -12.39 1.63
CA THR D 215 -19.32 -12.29 2.99
C THR D 215 -18.19 -12.24 4.01
N SER D 216 -17.04 -12.86 3.72
CA SER D 216 -15.94 -12.95 4.66
C SER D 216 -14.82 -11.97 4.35
N GLY D 217 -15.02 -11.03 3.43
CA GLY D 217 -14.09 -9.96 3.18
C GLY D 217 -13.14 -10.19 2.03
N PHE D 218 -13.00 -11.44 1.56
CA PHE D 218 -12.09 -11.71 0.47
C PHE D 218 -12.67 -11.19 -0.84
N SER D 219 -11.84 -11.19 -1.88
CA SER D 219 -12.23 -10.70 -3.19
C SER D 219 -12.24 -11.83 -4.20
N LEU D 220 -12.90 -11.56 -5.32
CA LEU D 220 -13.27 -12.58 -6.27
C LEU D 220 -12.17 -12.86 -7.29
N ASP D 221 -12.13 -14.11 -7.75
CA ASP D 221 -11.36 -14.46 -8.94
C ASP D 221 -12.29 -14.35 -10.14
N GLU D 222 -11.92 -13.48 -11.09
CA GLU D 222 -12.71 -13.20 -12.29
C GLU D 222 -14.13 -12.79 -11.93
N PRO D 223 -14.38 -11.52 -11.60
CA PRO D 223 -15.75 -11.11 -11.22
C PRO D 223 -16.75 -11.18 -12.36
N THR D 224 -16.33 -11.12 -13.62
CA THR D 224 -17.29 -11.22 -14.71
C THR D 224 -17.96 -12.59 -14.75
N SER D 225 -17.18 -13.66 -14.57
CA SER D 225 -17.75 -15.00 -14.42
C SER D 225 -18.85 -14.99 -13.36
N PHE D 226 -18.59 -14.36 -12.22
CA PHE D 226 -19.61 -14.21 -11.19
C PHE D 226 -20.83 -13.50 -11.74
N ALA D 227 -20.65 -12.28 -12.26
CA ALA D 227 -21.74 -11.50 -12.82
C ALA D 227 -22.59 -12.34 -13.77
N SER D 228 -21.94 -12.99 -14.74
CA SER D 228 -22.68 -13.81 -15.69
C SER D 228 -23.39 -14.97 -15.00
N ARG D 229 -22.76 -15.56 -13.97
CA ARG D 229 -23.48 -16.50 -13.13
C ARG D 229 -24.71 -15.86 -12.48
N ILE D 230 -24.51 -14.70 -11.82
CA ILE D 230 -25.63 -13.95 -11.27
C ILE D 230 -26.69 -13.72 -12.34
N ASN D 231 -26.33 -13.00 -13.40
CA ASN D 231 -27.27 -12.64 -14.45
C ASN D 231 -27.96 -13.88 -15.02
N ARG D 232 -27.19 -14.93 -15.29
CA ARG D 232 -27.76 -16.25 -15.62
C ARG D 232 -28.88 -16.61 -14.65
N LEU D 233 -28.62 -16.46 -13.36
CA LEU D 233 -29.60 -16.87 -12.36
C LEU D 233 -30.79 -15.91 -12.31
N ILE D 234 -30.53 -14.60 -12.29
CA ILE D 234 -31.64 -13.66 -12.12
C ILE D 234 -32.56 -13.59 -13.32
N SER D 235 -32.15 -14.13 -14.46
CA SER D 235 -33.03 -14.17 -15.62
C SER D 235 -33.98 -15.35 -15.58
N LEU D 236 -33.69 -16.38 -14.77
CA LEU D 236 -34.65 -17.46 -14.59
C LEU D 236 -35.87 -17.02 -13.78
N GLY D 237 -35.66 -16.19 -12.75
CA GLY D 237 -36.76 -15.83 -11.89
C GLY D 237 -37.66 -14.68 -12.31
N LEU D 238 -37.66 -14.36 -13.61
CA LEU D 238 -38.55 -13.34 -14.13
C LEU D 238 -39.37 -13.82 -15.32
N ASN D 239 -39.06 -14.98 -15.88
CA ASN D 239 -39.78 -15.52 -17.02
C ASN D 239 -40.75 -16.64 -16.64
N2 W5R E . 39.23 18.68 12.35
C3 W5R E . 34.07 16.10 15.03
C6 W5R E . 33.75 17.38 14.23
C9 W5R E . 34.11 19.50 15.52
C12 W5R E . 29.75 17.55 14.70
C14 W5R E . 33.16 20.31 17.71
C17 W5R E . 36.50 19.99 16.00
C23 W5R E . 33.99 16.00 10.43
C19 W5R E . 38.16 18.42 13.32
C1 W5R E . 34.96 13.87 15.09
N W5R E . 35.45 19.43 15.13
C W5R E . 34.60 13.73 16.41
O W5R E . 31.15 19.51 15.69
C10 W5R E . 33.25 18.53 15.08
C11 W5R E . 31.78 18.58 15.26
C13 W5R E . 33.70 20.69 16.34
C15 W5R E . 32.19 22.53 17.45
C16 W5R E . 30.90 20.79 18.47
C18 W5R E . 36.96 19.35 13.17
C2 W5R E . 34.71 15.04 14.40
C20 W5R E . 39.03 17.93 11.11
C21 W5R E . 39.34 20.11 12.05
C22 W5R E . 35.10 17.22 12.10
C24 W5R E . 34.93 12.48 17.16
C4 W5R E . 33.68 15.97 16.35
C5 W5R E . 33.96 14.79 17.04
C7 W5R E . 34.95 17.86 13.44
C8 W5R E . 35.77 18.84 13.91
F W5R E . 33.87 11.89 17.70
F1 W5R E . 35.50 11.56 16.40
F2 W5R E . 35.78 12.69 18.18
N1 W5R E . 32.24 21.32 18.28
O1 W5R E . 31.19 17.48 14.80
O2 W5R E . 36.11 17.16 11.45
O3 W5R E . 33.95 16.69 11.70
#